data_4ZA0
#
_entry.id   4ZA0
#
_cell.length_a   67.790
_cell.length_b   108.671
_cell.length_c   112.210
_cell.angle_alpha   90.000
_cell.angle_beta   90.000
_cell.angle_gamma   90.000
#
_symmetry.space_group_name_H-M   'P 21 21 21'
#
loop_
_entity.id
_entity.type
_entity.pdbx_description
1 polymer Gamma-enolase
2 non-polymer 'MAGNESIUM ION'
3 non-polymer 'PHOSPHONOACETOHYDROXAMIC ACID'
4 water water
#
_entity_poly.entity_id   1
_entity_poly.type   'polypeptide(L)'
_entity_poly.pdbx_seq_one_letter_code
;MSIEKIWAREILDSRGNPTVEVDLYTAKGLFRAAVPSGASTGIYEALELRDGDKQRYLGKGVLKAVDHINSTIAPALISS
GLSVVEQEKLDNLMLELDGTENKSKFGANAILGVSLAVCKAGAAERELPLYRHIAQLAGNSDLILPVPAFNVINGGSHAG
NKLAMQEFMILPVGAESFRDAMRLGAEVYHTLKGVIKDKYGKDATNVGDEGGFAPNILENSEALELVKEAIDKAGYTEKI
VIGMDVAASEFYRDGKYDLDFKSPTDPSRYITGDQLGALYQDFVRDYPVVSIEDPFDQDDWAAWSKFTANVGIQIVGDDL
TVTNPKRIERAVEEKACNCLLLKVNQIGSVTEAIQACKLAQENGWGVMVSHRSGETEDTFIADLVVGLCTGQIKTGAPCR
SERLAKYNQLMRIEEELGDEARFAGHNFRNPSVLHHHHHH
;
_entity_poly.pdbx_strand_id   A,B
#
# COMPACT_ATOMS: atom_id res chain seq x y z
N MET A 1 -11.82 14.98 31.06
CA MET A 1 -11.99 13.67 31.65
C MET A 1 -11.27 12.60 30.84
N SER A 2 -12.01 11.90 29.99
CA SER A 2 -11.47 10.77 29.24
C SER A 2 -10.60 11.21 28.06
N ILE A 3 -11.13 12.09 27.22
CA ILE A 3 -10.41 12.54 26.04
C ILE A 3 -9.57 13.78 26.31
N GLU A 4 -8.26 13.65 26.13
CA GLU A 4 -7.33 14.76 26.35
C GLU A 4 -7.26 15.67 25.13
N LYS A 5 -7.23 15.07 23.95
CA LYS A 5 -7.00 15.82 22.72
C LYS A 5 -7.45 15.05 21.48
N ILE A 6 -8.09 15.77 20.56
CA ILE A 6 -8.42 15.21 19.24
C ILE A 6 -7.88 16.12 18.16
N TRP A 7 -7.01 15.58 17.30
CA TRP A 7 -6.40 16.37 16.24
C TRP A 7 -6.47 15.66 14.90
N ALA A 8 -7.15 16.29 13.95
CA ALA A 8 -7.28 15.73 12.60
C ALA A 8 -6.30 16.39 11.65
N ARG A 9 -5.86 15.65 10.64
CA ARG A 9 -4.96 16.17 9.63
C ARG A 9 -5.30 15.61 8.25
N GLU A 10 -4.62 16.13 7.25
CA GLU A 10 -4.84 15.70 5.87
C GLU A 10 -3.70 14.78 5.40
N ILE A 11 -4.04 13.54 5.06
CA ILE A 11 -3.06 12.61 4.50
C ILE A 11 -3.50 12.19 3.10
N LEU A 12 -2.70 11.35 2.46
CA LEU A 12 -3.04 10.85 1.13
C LEU A 12 -3.40 9.37 1.16
N ASP A 13 -4.43 9.00 0.41
CA ASP A 13 -4.84 7.59 0.34
C ASP A 13 -4.01 6.83 -0.69
N SER A 14 -4.48 5.64 -1.05
CA SER A 14 -3.73 4.75 -1.94
C SER A 14 -3.72 5.23 -3.39
N ARG A 15 -4.55 6.23 -3.71
CA ARG A 15 -4.62 6.75 -5.07
C ARG A 15 -3.93 8.10 -5.21
N GLY A 16 -3.55 8.71 -4.08
CA GLY A 16 -2.91 9.99 -4.09
C GLY A 16 -3.88 11.14 -3.82
N ASN A 17 -5.07 10.78 -3.36
CA ASN A 17 -6.08 11.78 -2.99
C ASN A 17 -6.07 12.03 -1.49
N PRO A 18 -6.37 13.28 -1.09
CA PRO A 18 -6.46 13.62 0.34
C PRO A 18 -7.57 12.87 1.06
N THR A 19 -7.31 12.51 2.32
CA THR A 19 -8.34 11.90 3.16
C THR A 19 -8.10 12.27 4.62
N VAL A 20 -9.05 11.93 5.49
CA VAL A 20 -9.00 12.35 6.87
C VAL A 20 -8.27 11.35 7.77
N GLU A 21 -7.33 11.86 8.57
CA GLU A 21 -6.67 11.08 9.60
C GLU A 21 -6.89 11.76 10.95
N VAL A 22 -7.22 10.97 11.98
CA VAL A 22 -7.54 11.53 13.28
C VAL A 22 -6.65 10.99 14.40
N ASP A 23 -6.01 11.90 15.12
CA ASP A 23 -5.25 11.54 16.32
C ASP A 23 -6.04 11.86 17.58
N LEU A 24 -6.38 10.82 18.34
CA LEU A 24 -7.09 11.01 19.60
C LEU A 24 -6.19 10.62 20.77
N TYR A 25 -6.12 11.48 21.77
CA TYR A 25 -5.26 11.26 22.92
C TYR A 25 -6.04 11.00 24.21
N THR A 26 -5.62 9.96 24.94
CA THR A 26 -6.10 9.74 26.30
C THR A 26 -4.88 9.51 27.19
N ALA A 27 -5.12 9.17 28.44
CA ALA A 27 -4.04 8.91 29.39
C ALA A 27 -3.25 7.67 29.01
N LYS A 28 -3.86 6.80 28.20
CA LYS A 28 -3.22 5.56 27.79
C LYS A 28 -2.46 5.69 26.47
N GLY A 29 -2.48 6.89 25.88
CA GLY A 29 -1.65 7.15 24.73
C GLY A 29 -2.35 7.71 23.50
N LEU A 30 -1.71 7.50 22.35
CA LEU A 30 -2.19 8.04 21.08
C LEU A 30 -2.93 6.98 20.27
N PHE A 31 -4.08 7.36 19.72
CA PHE A 31 -4.88 6.44 18.92
C PHE A 31 -5.23 7.05 17.58
N ARG A 32 -4.72 6.43 16.52
CA ARG A 32 -4.79 7.02 15.18
C ARG A 32 -5.64 6.19 14.22
N ALA A 33 -6.48 6.87 13.44
CA ALA A 33 -7.34 6.21 12.47
C ALA A 33 -7.49 7.06 11.21
N ALA A 34 -7.67 6.39 10.08
CA ALA A 34 -7.83 7.08 8.80
C ALA A 34 -9.10 6.62 8.08
N VAL A 35 -9.63 7.50 7.23
CA VAL A 35 -10.88 7.24 6.53
C VAL A 35 -10.64 6.84 5.08
N PRO A 36 -11.25 5.71 4.65
CA PRO A 36 -11.15 5.25 3.27
C PRO A 36 -11.98 6.10 2.32
N SER A 37 -11.89 5.83 1.02
CA SER A 37 -12.61 6.60 0.02
C SER A 37 -12.93 5.75 -1.21
N GLY A 38 -14.20 5.73 -1.60
CA GLY A 38 -14.64 4.93 -2.72
C GLY A 38 -14.53 5.65 -4.05
N ALA A 39 -14.53 4.88 -5.14
CA ALA A 39 -14.53 5.44 -6.48
C ALA A 39 -15.88 5.20 -7.15
N SER A 40 -16.36 3.97 -7.07
CA SER A 40 -17.70 3.63 -7.54
C SER A 40 -18.69 3.77 -6.39
N THR A 41 -18.94 5.02 -5.98
CA THR A 41 -19.80 5.29 -4.84
C THR A 41 -21.27 5.25 -5.20
N GLY A 42 -22.08 4.64 -4.34
CA GLY A 42 -23.52 4.62 -4.53
C GLY A 42 -24.11 5.99 -4.23
N ILE A 43 -25.22 6.30 -4.88
CA ILE A 43 -25.84 7.62 -4.73
C ILE A 43 -26.45 7.82 -3.35
N TYR A 44 -26.66 6.73 -2.62
CA TYR A 44 -27.27 6.81 -1.30
C TYR A 44 -26.24 6.73 -0.18
N GLU A 45 -24.96 6.76 -0.54
CA GLU A 45 -23.90 6.77 0.46
C GLU A 45 -23.88 8.09 1.20
N ALA A 46 -23.44 8.07 2.45
CA ALA A 46 -23.31 9.28 3.24
C ALA A 46 -22.29 10.22 2.59
N LEU A 47 -22.43 11.52 2.84
CA LEU A 47 -21.63 12.51 2.14
C LEU A 47 -20.16 12.48 2.51
N GLU A 48 -19.31 12.33 1.49
CA GLU A 48 -17.87 12.52 1.65
C GLU A 48 -17.54 13.97 1.31
N LEU A 49 -17.22 14.75 2.34
CA LEU A 49 -17.01 16.18 2.17
C LEU A 49 -15.64 16.51 1.56
N ARG A 50 -15.66 17.06 0.36
CA ARG A 50 -14.45 17.56 -0.29
C ARG A 50 -14.49 19.08 -0.33
N ASP A 51 -13.32 19.71 -0.43
CA ASP A 51 -13.23 21.17 -0.38
C ASP A 51 -13.74 21.83 -1.65
N GLY A 52 -13.38 21.27 -2.80
CA GLY A 52 -13.79 21.83 -4.08
C GLY A 52 -12.90 22.96 -4.54
N ASP A 53 -11.78 23.15 -3.84
CA ASP A 53 -10.80 24.16 -4.22
C ASP A 53 -9.98 23.67 -5.39
N LYS A 54 -10.33 24.12 -6.59
CA LYS A 54 -9.75 23.61 -7.83
C LYS A 54 -8.25 23.81 -7.96
N GLN A 55 -7.71 24.79 -7.25
CA GLN A 55 -6.28 25.07 -7.30
C GLN A 55 -5.53 24.38 -6.18
N ARG A 56 -6.16 23.37 -5.58
CA ARG A 56 -5.54 22.57 -4.55
C ARG A 56 -6.03 21.12 -4.61
N TYR A 57 -5.12 20.21 -4.99
CA TYR A 57 -5.45 18.80 -5.17
C TYR A 57 -6.62 18.59 -6.13
N LEU A 58 -6.74 19.49 -7.11
CA LEU A 58 -7.79 19.45 -8.11
C LEU A 58 -9.19 19.40 -7.47
N GLY A 59 -9.33 20.06 -6.33
CA GLY A 59 -10.61 20.18 -5.65
C GLY A 59 -10.94 19.03 -4.72
N LYS A 60 -9.97 18.18 -4.45
CA LYS A 60 -10.20 17.00 -3.63
C LYS A 60 -9.62 17.09 -2.22
N GLY A 61 -9.37 18.32 -1.76
CA GLY A 61 -8.90 18.53 -0.40
C GLY A 61 -9.97 18.19 0.61
N VAL A 62 -9.56 17.90 1.84
CA VAL A 62 -10.50 17.62 2.91
C VAL A 62 -10.25 18.52 4.13
N LEU A 63 -9.80 19.75 3.87
CA LEU A 63 -9.52 20.71 4.94
C LEU A 63 -10.78 21.09 5.69
N LYS A 64 -11.92 21.10 4.98
CA LYS A 64 -13.19 21.42 5.61
C LYS A 64 -13.59 20.36 6.62
N ALA A 65 -13.43 19.09 6.25
CA ALA A 65 -13.72 17.98 7.14
C ALA A 65 -12.77 17.98 8.33
N VAL A 66 -11.49 18.24 8.06
CA VAL A 66 -10.48 18.32 9.11
C VAL A 66 -10.81 19.44 10.10
N ASP A 67 -11.19 20.60 9.57
CA ASP A 67 -11.52 21.74 10.41
C ASP A 67 -12.76 21.47 11.26
N HIS A 68 -13.76 20.81 10.65
CA HIS A 68 -14.98 20.45 11.38
C HIS A 68 -14.66 19.58 12.59
N ILE A 69 -13.65 18.73 12.45
CA ILE A 69 -13.21 17.90 13.56
C ILE A 69 -12.48 18.74 14.61
N ASN A 70 -11.45 19.45 14.18
CA ASN A 70 -10.60 20.21 15.10
C ASN A 70 -11.33 21.37 15.80
N SER A 71 -12.28 21.99 15.11
CA SER A 71 -12.92 23.19 15.64
C SER A 71 -14.25 22.93 16.34
N THR A 72 -15.02 21.98 15.85
CA THR A 72 -16.37 21.76 16.35
C THR A 72 -16.54 20.42 17.08
N ILE A 73 -16.17 19.34 16.41
CA ILE A 73 -16.39 18.00 16.95
C ILE A 73 -15.50 17.68 18.15
N ALA A 74 -14.22 18.02 18.05
CA ALA A 74 -13.25 17.73 19.11
C ALA A 74 -13.62 18.36 20.47
N PRO A 75 -13.91 19.67 20.51
CA PRO A 75 -14.20 20.21 21.85
C PRO A 75 -15.52 19.71 22.42
N ALA A 76 -16.47 19.37 21.55
CA ALA A 76 -17.77 18.87 21.99
C ALA A 76 -17.63 17.54 22.73
N LEU A 77 -16.82 16.64 22.17
CA LEU A 77 -16.61 15.33 22.78
C LEU A 77 -15.76 15.44 24.04
N ILE A 78 -14.80 16.36 24.02
CA ILE A 78 -13.91 16.57 25.17
C ILE A 78 -14.71 17.04 26.38
N SER A 79 -15.67 17.92 26.15
CA SER A 79 -16.46 18.49 27.24
C SER A 79 -17.75 17.71 27.49
N SER A 80 -17.89 16.57 26.83
CA SER A 80 -19.08 15.75 26.97
C SER A 80 -19.08 14.98 28.29
N GLY A 81 -17.90 14.62 28.76
CA GLY A 81 -17.76 13.87 29.99
C GLY A 81 -17.89 12.38 29.78
N LEU A 82 -18.04 11.97 28.52
CA LEU A 82 -18.21 10.57 28.17
C LEU A 82 -16.87 9.84 28.09
N SER A 83 -16.82 8.64 28.65
CA SER A 83 -15.65 7.79 28.53
C SER A 83 -15.53 7.28 27.10
N VAL A 84 -14.30 7.01 26.67
CA VAL A 84 -14.06 6.55 25.30
C VAL A 84 -14.61 5.15 25.05
N VAL A 85 -14.95 4.45 26.13
CA VAL A 85 -15.56 3.12 26.02
C VAL A 85 -17.03 3.23 25.59
N GLU A 86 -17.59 4.43 25.74
CA GLU A 86 -18.98 4.67 25.38
C GLU A 86 -19.12 5.00 23.91
N GLN A 87 -18.93 3.99 23.06
CA GLN A 87 -18.94 4.19 21.61
C GLN A 87 -20.27 4.73 21.12
N GLU A 88 -21.37 4.13 21.59
CA GLU A 88 -22.69 4.49 21.10
C GLU A 88 -23.08 5.92 21.50
N LYS A 89 -22.78 6.29 22.75
CA LYS A 89 -23.12 7.63 23.24
C LYS A 89 -22.28 8.71 22.55
N LEU A 90 -21.01 8.41 22.31
CA LEU A 90 -20.11 9.35 21.65
C LEU A 90 -20.48 9.50 20.18
N ASP A 91 -20.89 8.41 19.55
CA ASP A 91 -21.33 8.45 18.15
C ASP A 91 -22.66 9.19 18.02
N ASN A 92 -23.56 8.95 18.98
CA ASN A 92 -24.86 9.61 18.99
C ASN A 92 -24.71 11.13 19.12
N LEU A 93 -23.75 11.57 19.92
CA LEU A 93 -23.50 12.98 20.12
C LEU A 93 -23.04 13.64 18.81
N MET A 94 -22.16 12.97 18.09
CA MET A 94 -21.70 13.46 16.80
C MET A 94 -22.83 13.47 15.77
N LEU A 95 -23.70 12.47 15.86
CA LEU A 95 -24.87 12.39 15.00
C LEU A 95 -25.80 13.58 15.26
N GLU A 96 -26.01 13.86 16.55
CA GLU A 96 -26.86 14.97 16.96
C GLU A 96 -26.25 16.30 16.58
N LEU A 97 -24.93 16.41 16.76
CA LEU A 97 -24.20 17.62 16.44
C LEU A 97 -24.30 17.95 14.95
N ASP A 98 -24.25 16.90 14.12
CA ASP A 98 -24.42 17.07 12.68
C ASP A 98 -25.87 17.39 12.34
N GLY A 99 -26.79 16.55 12.81
CA GLY A 99 -28.21 16.81 12.69
C GLY A 99 -28.81 16.59 11.31
N THR A 100 -28.02 16.08 10.38
CA THR A 100 -28.53 15.77 9.04
C THR A 100 -28.52 14.27 8.78
N GLU A 101 -29.38 13.83 7.88
CA GLU A 101 -29.55 12.41 7.60
C GLU A 101 -28.29 11.79 7.00
N ASN A 102 -27.73 12.45 5.99
CA ASN A 102 -26.56 11.92 5.30
C ASN A 102 -25.25 12.54 5.78
N LYS A 103 -25.29 13.12 6.97
CA LYS A 103 -24.12 13.76 7.58
C LYS A 103 -23.53 14.83 6.66
N SER A 104 -24.39 15.69 6.13
CA SER A 104 -23.97 16.66 5.13
C SER A 104 -23.45 17.96 5.73
N LYS A 105 -23.48 18.07 7.06
CA LYS A 105 -22.95 19.26 7.72
C LYS A 105 -21.44 19.15 7.94
N PHE A 106 -21.03 18.05 8.58
CA PHE A 106 -19.62 17.83 8.88
C PHE A 106 -18.96 16.95 7.82
N GLY A 107 -19.75 16.08 7.22
CA GLY A 107 -19.22 15.09 6.29
C GLY A 107 -19.05 13.76 7.01
N ALA A 108 -19.37 12.68 6.33
CA ALA A 108 -19.24 11.35 6.91
C ALA A 108 -17.78 11.00 7.18
N ASN A 109 -16.89 11.55 6.36
CA ASN A 109 -15.45 11.31 6.51
C ASN A 109 -14.90 12.00 7.76
N ALA A 110 -15.55 13.09 8.16
CA ALA A 110 -15.15 13.80 9.38
C ALA A 110 -15.62 13.04 10.62
N ILE A 111 -16.87 12.59 10.59
CA ILE A 111 -17.46 11.89 11.72
C ILE A 111 -16.85 10.51 11.92
N LEU A 112 -16.61 9.80 10.82
CA LEU A 112 -16.07 8.44 10.89
C LEU A 112 -14.66 8.41 11.48
N GLY A 113 -13.82 9.34 11.04
CA GLY A 113 -12.44 9.41 11.52
C GLY A 113 -12.34 9.52 13.02
N VAL A 114 -13.25 10.28 13.61
CA VAL A 114 -13.32 10.40 15.06
C VAL A 114 -13.88 9.12 15.68
N SER A 115 -14.94 8.61 15.08
CA SER A 115 -15.61 7.40 15.56
C SER A 115 -14.65 6.21 15.60
N LEU A 116 -13.80 6.09 14.58
CA LEU A 116 -12.81 5.03 14.52
C LEU A 116 -11.75 5.19 15.61
N ALA A 117 -11.28 6.43 15.80
CA ALA A 117 -10.26 6.72 16.80
C ALA A 117 -10.80 6.50 18.20
N VAL A 118 -12.07 6.87 18.41
CA VAL A 118 -12.73 6.66 19.69
C VAL A 118 -12.77 5.18 20.05
N CYS A 119 -13.05 4.35 19.05
CA CYS A 119 -13.16 2.91 19.25
C CYS A 119 -11.85 2.27 19.71
N LYS A 120 -10.75 2.68 19.09
CA LYS A 120 -9.44 2.17 19.45
C LYS A 120 -9.04 2.64 20.84
N ALA A 121 -9.41 3.87 21.18
CA ALA A 121 -9.15 4.43 22.49
C ALA A 121 -9.97 3.70 23.55
N GLY A 122 -11.20 3.33 23.18
CA GLY A 122 -12.08 2.61 24.09
C GLY A 122 -11.58 1.21 24.36
N ALA A 123 -10.95 0.61 23.36
CA ALA A 123 -10.40 -0.73 23.49
C ALA A 123 -9.27 -0.76 24.53
N ALA A 124 -8.39 0.23 24.46
CA ALA A 124 -7.26 0.31 25.40
C ALA A 124 -7.74 0.67 26.80
N GLU A 125 -8.75 1.53 26.86
CA GLU A 125 -9.37 1.88 28.14
C GLU A 125 -10.00 0.65 28.77
N ARG A 126 -10.42 -0.28 27.93
CA ARG A 126 -11.02 -1.53 28.36
C ARG A 126 -9.96 -2.59 28.61
N GLU A 127 -8.72 -2.25 28.27
CA GLU A 127 -7.59 -3.19 28.32
C GLU A 127 -7.89 -4.44 27.50
N LEU A 128 -8.41 -4.23 26.30
CA LEU A 128 -8.73 -5.30 25.37
C LEU A 128 -8.10 -5.02 24.01
N PRO A 129 -7.78 -6.08 23.26
CA PRO A 129 -7.42 -5.88 21.86
C PRO A 129 -8.63 -5.34 21.10
N LEU A 130 -8.39 -4.57 20.03
CA LEU A 130 -9.45 -3.87 19.33
C LEU A 130 -10.61 -4.78 18.91
N TYR A 131 -10.30 -5.95 18.39
CA TYR A 131 -11.33 -6.85 17.87
C TYR A 131 -12.24 -7.39 18.98
N ARG A 132 -11.71 -7.49 20.19
CA ARG A 132 -12.52 -7.98 21.31
C ARG A 132 -13.41 -6.88 21.85
N HIS A 133 -12.94 -5.64 21.82
CA HIS A 133 -13.74 -4.50 22.20
C HIS A 133 -14.94 -4.35 21.27
N ILE A 134 -14.69 -4.52 19.98
CA ILE A 134 -15.73 -4.47 18.96
C ILE A 134 -16.73 -5.61 19.18
N ALA A 135 -16.22 -6.77 19.56
CA ALA A 135 -17.06 -7.93 19.83
C ALA A 135 -18.06 -7.65 20.94
N GLN A 136 -17.61 -6.96 21.99
CA GLN A 136 -18.48 -6.63 23.11
C GLN A 136 -19.48 -5.55 22.74
N LEU A 137 -19.07 -4.63 21.87
CA LEU A 137 -19.95 -3.58 21.38
C LEU A 137 -21.09 -4.15 20.55
N ALA A 138 -20.83 -5.28 19.90
CA ALA A 138 -21.81 -5.93 19.04
C ALA A 138 -22.57 -7.03 19.77
N GLY A 139 -22.10 -7.38 20.96
CA GLY A 139 -22.72 -8.43 21.75
C GLY A 139 -22.25 -9.81 21.34
N ASN A 140 -21.03 -9.90 20.83
CA ASN A 140 -20.45 -11.17 20.42
C ASN A 140 -19.50 -11.69 21.50
N SER A 141 -19.25 -13.00 21.49
CA SER A 141 -18.40 -13.61 22.51
C SER A 141 -17.54 -14.75 21.96
N ASP A 142 -17.68 -15.04 20.68
CA ASP A 142 -16.91 -16.12 20.06
C ASP A 142 -16.36 -15.70 18.70
N LEU A 143 -15.11 -15.26 18.67
CA LEU A 143 -14.49 -14.68 17.48
C LEU A 143 -14.28 -15.67 16.35
N ILE A 144 -14.21 -15.15 15.12
CA ILE A 144 -14.03 -15.97 13.93
C ILE A 144 -13.13 -15.29 12.91
N LEU A 145 -12.12 -16.01 12.44
CA LEU A 145 -11.28 -15.52 11.35
C LEU A 145 -12.02 -15.69 10.02
N PRO A 146 -12.06 -14.61 9.22
CA PRO A 146 -12.82 -14.60 7.98
C PRO A 146 -12.09 -15.27 6.81
N VAL A 147 -12.86 -15.71 5.81
CA VAL A 147 -12.27 -16.10 4.55
C VAL A 147 -12.00 -14.83 3.75
N PRO A 148 -10.74 -14.65 3.32
CA PRO A 148 -10.40 -13.45 2.52
C PRO A 148 -10.86 -13.58 1.08
N ALA A 149 -11.34 -12.48 0.51
CA ALA A 149 -11.73 -12.45 -0.90
C ALA A 149 -10.81 -11.53 -1.68
N PHE A 150 -9.89 -12.12 -2.43
CA PHE A 150 -8.87 -11.36 -3.14
C PHE A 150 -9.30 -10.93 -4.53
N ASN A 151 -9.40 -9.63 -4.75
CA ASN A 151 -9.74 -9.07 -6.05
C ASN A 151 -8.54 -9.12 -7.00
N VAL A 152 -8.38 -10.25 -7.69
CA VAL A 152 -7.19 -10.50 -8.51
C VAL A 152 -7.31 -9.98 -9.95
N ILE A 153 -8.52 -9.74 -10.41
CA ILE A 153 -8.73 -9.14 -11.72
C ILE A 153 -9.60 -7.91 -11.60
N ASN A 154 -9.03 -6.74 -11.90
CA ASN A 154 -9.76 -5.49 -11.78
C ASN A 154 -10.36 -5.02 -13.11
N GLY A 155 -11.65 -4.71 -13.08
CA GLY A 155 -12.34 -4.13 -14.22
C GLY A 155 -13.15 -2.94 -13.73
N GLY A 156 -14.10 -2.50 -14.54
CA GLY A 156 -15.02 -1.46 -14.12
C GLY A 156 -14.62 -0.05 -14.49
N SER A 157 -15.27 0.93 -13.84
CA SER A 157 -15.18 2.33 -14.21
C SER A 157 -13.78 2.93 -14.10
N HIS A 158 -12.97 2.41 -13.19
CA HIS A 158 -11.67 3.01 -12.91
C HIS A 158 -10.50 2.09 -13.24
N ALA A 159 -10.76 1.06 -14.04
CA ALA A 159 -9.71 0.15 -14.48
C ALA A 159 -9.33 0.43 -15.92
N GLY A 160 -8.04 0.37 -16.21
CA GLY A 160 -7.54 0.64 -17.54
C GLY A 160 -7.72 -0.54 -18.49
N ASN A 161 -8.97 -0.87 -18.78
CA ASN A 161 -9.29 -1.93 -19.74
C ASN A 161 -10.73 -1.83 -20.21
N LYS A 162 -11.17 -2.80 -21.00
CA LYS A 162 -12.53 -2.82 -21.52
C LYS A 162 -13.48 -3.55 -20.57
N LEU A 163 -12.89 -4.32 -19.65
CA LEU A 163 -13.65 -5.17 -18.74
C LEU A 163 -14.69 -4.39 -17.94
N ALA A 164 -15.96 -4.65 -18.22
CA ALA A 164 -17.06 -3.89 -17.64
C ALA A 164 -17.25 -4.18 -16.16
N MET A 165 -17.34 -5.46 -15.80
CA MET A 165 -17.56 -5.83 -14.41
C MET A 165 -16.34 -5.52 -13.56
N GLN A 166 -16.58 -5.10 -12.33
CA GLN A 166 -15.56 -4.45 -11.53
C GLN A 166 -14.52 -5.38 -10.90
N GLU A 167 -14.98 -6.39 -10.16
CA GLU A 167 -14.06 -7.21 -9.38
C GLU A 167 -14.25 -8.71 -9.60
N PHE A 168 -13.15 -9.42 -9.78
CA PHE A 168 -13.16 -10.87 -9.85
C PHE A 168 -12.31 -11.43 -8.72
N MET A 169 -12.97 -12.07 -7.75
CA MET A 169 -12.31 -12.45 -6.51
C MET A 169 -12.12 -13.95 -6.34
N ILE A 170 -11.09 -14.33 -5.59
CA ILE A 170 -10.89 -15.72 -5.20
C ILE A 170 -11.04 -15.86 -3.69
N LEU A 171 -11.70 -16.93 -3.26
CA LEU A 171 -11.94 -17.18 -1.85
C LEU A 171 -11.42 -18.56 -1.44
N PRO A 172 -10.31 -18.59 -0.70
CA PRO A 172 -9.72 -19.85 -0.22
C PRO A 172 -10.54 -20.49 0.90
N VAL A 173 -11.74 -20.95 0.56
CA VAL A 173 -12.64 -21.53 1.56
C VAL A 173 -12.10 -22.87 2.10
N GLY A 174 -11.25 -23.53 1.33
CA GLY A 174 -10.72 -24.82 1.70
C GLY A 174 -9.36 -24.75 2.38
N ALA A 175 -8.99 -23.56 2.84
CA ALA A 175 -7.72 -23.37 3.52
C ALA A 175 -7.79 -23.89 4.96
N GLU A 176 -6.62 -24.21 5.52
CA GLU A 176 -6.54 -24.74 6.88
C GLU A 176 -6.74 -23.65 7.92
N SER A 177 -6.13 -22.49 7.68
CA SER A 177 -6.24 -21.35 8.57
C SER A 177 -6.27 -20.07 7.73
N PHE A 178 -6.28 -18.92 8.39
CA PHE A 178 -6.25 -17.67 7.64
C PHE A 178 -4.87 -17.45 7.05
N ARG A 179 -3.82 -17.77 7.81
CA ARG A 179 -2.46 -17.63 7.32
C ARG A 179 -2.23 -18.57 6.13
N ASP A 180 -2.89 -19.72 6.15
CA ASP A 180 -2.84 -20.64 5.02
C ASP A 180 -3.64 -20.07 3.85
N ALA A 181 -4.73 -19.39 4.17
CA ALA A 181 -5.56 -18.75 3.15
C ALA A 181 -4.80 -17.64 2.44
N MET A 182 -3.91 -16.98 3.18
CA MET A 182 -3.06 -15.96 2.60
C MET A 182 -2.08 -16.55 1.59
N ARG A 183 -1.56 -17.73 1.92
CA ARG A 183 -0.62 -18.42 1.05
C ARG A 183 -1.30 -18.85 -0.24
N LEU A 184 -2.48 -19.45 -0.11
CA LEU A 184 -3.24 -19.89 -1.28
C LEU A 184 -3.60 -18.72 -2.19
N GLY A 185 -3.92 -17.58 -1.59
CA GLY A 185 -4.27 -16.40 -2.35
C GLY A 185 -3.09 -15.84 -3.13
N ALA A 186 -1.94 -15.79 -2.49
CA ALA A 186 -0.74 -15.24 -3.12
C ALA A 186 -0.25 -16.14 -4.25
N GLU A 187 -0.24 -17.45 -4.01
CA GLU A 187 0.25 -18.41 -4.99
C GLU A 187 -0.59 -18.41 -6.26
N VAL A 188 -1.90 -18.28 -6.10
CA VAL A 188 -2.79 -18.19 -7.26
C VAL A 188 -2.60 -16.85 -7.95
N TYR A 189 -2.47 -15.79 -7.17
CA TYR A 189 -2.22 -14.45 -7.70
C TYR A 189 -0.95 -14.41 -8.54
N HIS A 190 0.12 -15.01 -8.02
CA HIS A 190 1.39 -15.06 -8.75
C HIS A 190 1.29 -15.99 -9.94
N THR A 191 0.48 -17.04 -9.81
CA THR A 191 0.25 -17.96 -10.92
C THR A 191 -0.55 -17.26 -12.02
N LEU A 192 -1.52 -16.46 -11.60
CA LEU A 192 -2.39 -15.74 -12.54
C LEU A 192 -1.58 -14.77 -13.41
N LYS A 193 -0.55 -14.17 -12.83
CA LYS A 193 0.30 -13.25 -13.57
C LYS A 193 0.96 -13.93 -14.76
N GLY A 194 1.45 -15.14 -14.53
CA GLY A 194 2.05 -15.93 -15.59
C GLY A 194 1.04 -16.32 -16.66
N VAL A 195 -0.15 -16.74 -16.21
CA VAL A 195 -1.22 -17.12 -17.13
C VAL A 195 -1.61 -15.97 -18.05
N ILE A 196 -1.76 -14.78 -17.46
CA ILE A 196 -2.10 -13.58 -18.23
C ILE A 196 -0.96 -13.19 -19.17
N LYS A 197 0.26 -13.23 -18.67
CA LYS A 197 1.43 -12.86 -19.47
C LYS A 197 1.61 -13.79 -20.68
N ASP A 198 1.42 -15.09 -20.46
CA ASP A 198 1.58 -16.08 -21.52
C ASP A 198 0.55 -15.89 -22.63
N LYS A 199 -0.61 -15.34 -22.28
CA LYS A 199 -1.71 -15.22 -23.23
C LYS A 199 -1.83 -13.83 -23.84
N TYR A 200 -1.54 -12.79 -23.06
CA TYR A 200 -1.76 -11.43 -23.52
C TYR A 200 -0.50 -10.56 -23.52
N GLY A 201 0.59 -11.09 -22.97
CA GLY A 201 1.84 -10.35 -22.93
C GLY A 201 2.02 -9.60 -21.62
N LYS A 202 3.19 -9.02 -21.42
CA LYS A 202 3.53 -8.37 -20.16
C LYS A 202 2.76 -7.08 -19.93
N ASP A 203 2.29 -6.45 -21.01
CA ASP A 203 1.53 -5.21 -20.90
C ASP A 203 0.23 -5.39 -20.11
N ALA A 204 -0.24 -6.63 -20.03
CA ALA A 204 -1.51 -6.92 -19.39
C ALA A 204 -1.35 -7.37 -17.94
N THR A 205 -0.14 -7.24 -17.41
CA THR A 205 0.14 -7.71 -16.05
C THR A 205 0.34 -6.56 -15.06
N ASN A 206 0.06 -5.33 -15.48
CA ASN A 206 0.05 -4.21 -14.56
C ASN A 206 -1.22 -4.25 -13.72
N VAL A 207 -1.24 -3.53 -12.62
CA VAL A 207 -2.35 -3.65 -11.67
C VAL A 207 -3.23 -2.41 -11.59
N GLY A 208 -4.45 -2.61 -11.08
CA GLY A 208 -5.40 -1.53 -10.89
C GLY A 208 -5.36 -0.97 -9.48
N ASP A 209 -6.44 -0.30 -9.09
CA ASP A 209 -6.50 0.38 -7.79
C ASP A 209 -6.41 -0.58 -6.60
N GLU A 210 -6.89 -1.80 -6.77
CA GLU A 210 -6.97 -2.74 -5.64
C GLU A 210 -5.95 -3.86 -5.73
N GLY A 211 -4.95 -3.72 -6.60
CA GLY A 211 -3.87 -4.68 -6.68
C GLY A 211 -4.10 -5.81 -7.67
N GLY A 212 -5.32 -5.92 -8.18
CA GLY A 212 -5.65 -6.93 -9.17
C GLY A 212 -5.09 -6.54 -10.52
N PHE A 213 -4.77 -7.53 -11.34
CA PHE A 213 -4.24 -7.27 -12.67
C PHE A 213 -5.31 -6.62 -13.54
N ALA A 214 -4.88 -5.80 -14.49
CA ALA A 214 -5.78 -5.16 -15.43
C ALA A 214 -5.46 -5.56 -16.87
N PRO A 215 -5.82 -6.80 -17.25
CA PRO A 215 -5.54 -7.26 -18.61
C PRO A 215 -6.46 -6.61 -19.63
N ASN A 216 -5.98 -6.46 -20.86
CA ASN A 216 -6.76 -5.85 -21.92
C ASN A 216 -7.79 -6.81 -22.52
N ILE A 217 -8.81 -7.15 -21.72
CA ILE A 217 -9.88 -8.03 -22.17
C ILE A 217 -11.24 -7.35 -22.06
N LEU A 218 -12.23 -7.87 -22.78
CA LEU A 218 -13.56 -7.29 -22.77
C LEU A 218 -14.58 -8.21 -22.09
N GLU A 219 -14.63 -9.46 -22.55
CA GLU A 219 -15.59 -10.43 -22.06
C GLU A 219 -15.33 -10.81 -20.61
N ASN A 220 -16.37 -10.75 -19.78
CA ASN A 220 -16.24 -11.06 -18.37
C ASN A 220 -16.09 -12.57 -18.13
N SER A 221 -16.56 -13.36 -19.09
CA SER A 221 -16.41 -14.80 -19.02
C SER A 221 -14.95 -15.19 -19.16
N GLU A 222 -14.19 -14.37 -19.89
CA GLU A 222 -12.77 -14.60 -20.08
C GLU A 222 -12.00 -14.31 -18.80
N ALA A 223 -12.44 -13.32 -18.05
CA ALA A 223 -11.84 -13.01 -16.75
C ALA A 223 -12.02 -14.19 -15.80
N LEU A 224 -13.17 -14.84 -15.89
CA LEU A 224 -13.47 -16.01 -15.08
C LEU A 224 -12.63 -17.21 -15.52
N GLU A 225 -12.41 -17.33 -16.83
CA GLU A 225 -11.59 -18.39 -17.38
C GLU A 225 -10.14 -18.29 -16.90
N LEU A 226 -9.60 -17.06 -16.94
CA LEU A 226 -8.24 -16.81 -16.50
C LEU A 226 -8.05 -17.17 -15.03
N VAL A 227 -8.97 -16.71 -14.19
CA VAL A 227 -8.93 -16.96 -12.76
C VAL A 227 -9.04 -18.45 -12.47
N LYS A 228 -10.01 -19.10 -13.11
CA LYS A 228 -10.20 -20.54 -12.96
C LYS A 228 -8.95 -21.31 -13.37
N GLU A 229 -8.35 -20.89 -14.48
CA GLU A 229 -7.13 -21.51 -14.97
C GLU A 229 -5.98 -21.33 -13.98
N ALA A 230 -5.93 -20.18 -13.32
CA ALA A 230 -4.90 -19.89 -12.34
C ALA A 230 -5.08 -20.76 -11.09
N ILE A 231 -6.33 -20.93 -10.68
CA ILE A 231 -6.65 -21.78 -9.53
C ILE A 231 -6.18 -23.21 -9.76
N ASP A 232 -6.46 -23.72 -10.96
CA ASP A 232 -6.13 -25.09 -11.30
C ASP A 232 -4.63 -25.31 -11.42
N LYS A 233 -3.93 -24.41 -12.10
CA LYS A 233 -2.49 -24.54 -12.27
C LYS A 233 -1.76 -24.42 -10.93
N ALA A 234 -2.31 -23.61 -10.03
CA ALA A 234 -1.77 -23.49 -8.68
C ALA A 234 -2.04 -24.76 -7.89
N GLY A 235 -3.02 -25.55 -8.35
CA GLY A 235 -3.33 -26.82 -7.74
C GLY A 235 -4.32 -26.72 -6.59
N TYR A 236 -5.25 -25.78 -6.67
CA TYR A 236 -6.21 -25.55 -5.60
C TYR A 236 -7.66 -25.51 -6.09
N THR A 237 -7.98 -26.33 -7.09
CA THR A 237 -9.33 -26.38 -7.65
C THR A 237 -10.37 -26.69 -6.57
N GLU A 238 -10.01 -27.59 -5.66
CA GLU A 238 -10.94 -28.07 -4.63
C GLU A 238 -10.96 -27.19 -3.39
N LYS A 239 -10.10 -26.19 -3.33
CA LYS A 239 -9.97 -25.37 -2.13
C LYS A 239 -10.34 -23.90 -2.33
N ILE A 240 -10.40 -23.47 -3.59
CA ILE A 240 -10.62 -22.07 -3.89
C ILE A 240 -11.78 -21.84 -4.86
N VAL A 241 -12.72 -20.99 -4.44
CA VAL A 241 -13.87 -20.63 -5.27
C VAL A 241 -13.79 -19.18 -5.70
N ILE A 242 -14.78 -18.72 -6.47
CA ILE A 242 -14.74 -17.40 -7.08
C ILE A 242 -15.89 -16.51 -6.61
N GLY A 243 -15.57 -15.24 -6.36
CA GLY A 243 -16.57 -14.24 -6.04
C GLY A 243 -16.53 -13.10 -7.05
N MET A 244 -17.61 -12.34 -7.15
CA MET A 244 -17.67 -11.25 -8.12
C MET A 244 -18.31 -9.99 -7.55
N ASP A 245 -17.76 -8.82 -7.90
CA ASP A 245 -18.42 -7.56 -7.68
C ASP A 245 -18.70 -6.94 -9.04
N VAL A 246 -19.96 -7.03 -9.48
CA VAL A 246 -20.35 -6.52 -10.78
C VAL A 246 -20.36 -4.99 -10.80
N ALA A 247 -20.89 -4.39 -9.73
CA ALA A 247 -21.09 -2.95 -9.64
C ALA A 247 -21.88 -2.46 -10.85
N ALA A 248 -23.04 -3.07 -11.05
CA ALA A 248 -23.85 -2.84 -12.25
C ALA A 248 -24.41 -1.43 -12.33
N SER A 249 -24.39 -0.71 -11.22
CA SER A 249 -24.83 0.69 -11.21
C SER A 249 -23.92 1.54 -12.09
N GLU A 250 -22.68 1.09 -12.28
CA GLU A 250 -21.69 1.85 -13.02
C GLU A 250 -21.86 1.76 -14.53
N PHE A 251 -22.56 0.73 -15.00
CA PHE A 251 -22.86 0.64 -16.43
C PHE A 251 -24.37 0.53 -16.70
N TYR A 252 -25.16 1.08 -15.78
CA TYR A 252 -26.60 1.14 -15.95
C TYR A 252 -26.98 2.34 -16.81
N ARG A 253 -27.52 2.07 -17.99
CA ARG A 253 -27.86 3.13 -18.94
C ARG A 253 -29.25 2.99 -19.51
N ASP A 254 -30.08 4.03 -19.31
CA ASP A 254 -31.41 4.10 -19.90
C ASP A 254 -32.27 2.87 -19.59
N GLY A 255 -32.19 2.40 -18.35
CA GLY A 255 -32.96 1.25 -17.94
C GLY A 255 -32.36 -0.08 -18.39
N LYS A 256 -31.21 0.00 -19.04
CA LYS A 256 -30.52 -1.19 -19.53
C LYS A 256 -29.07 -1.24 -19.01
N TYR A 257 -28.34 -2.28 -19.41
CA TYR A 257 -26.97 -2.45 -18.94
C TYR A 257 -25.99 -2.57 -20.10
N ASP A 258 -24.87 -1.86 -19.98
CA ASP A 258 -23.88 -1.80 -21.06
C ASP A 258 -22.57 -2.49 -20.63
N LEU A 259 -22.37 -3.71 -21.12
CA LEU A 259 -21.19 -4.49 -20.77
C LEU A 259 -19.96 -4.05 -21.58
N ASP A 260 -20.08 -2.93 -22.27
CA ASP A 260 -18.96 -2.37 -23.01
C ASP A 260 -18.98 -0.85 -22.85
N PHE A 261 -19.19 -0.40 -21.62
CA PHE A 261 -19.44 1.01 -21.33
C PHE A 261 -18.19 1.87 -21.35
N LYS A 262 -17.03 1.24 -21.55
CA LYS A 262 -15.78 1.98 -21.69
C LYS A 262 -15.39 2.05 -23.17
N SER A 263 -16.32 1.65 -24.03
CA SER A 263 -16.20 1.85 -25.46
C SER A 263 -17.13 2.99 -25.85
N PRO A 264 -16.89 3.62 -27.02
CA PRO A 264 -17.79 4.68 -27.51
C PRO A 264 -19.26 4.25 -27.50
N THR A 265 -20.10 5.10 -26.91
CA THR A 265 -21.51 4.80 -26.65
C THR A 265 -22.26 4.26 -27.87
N ASP A 266 -22.91 3.12 -27.68
CA ASP A 266 -23.72 2.50 -28.72
C ASP A 266 -24.84 1.66 -28.11
N PRO A 267 -26.04 2.24 -28.00
CA PRO A 267 -27.22 1.65 -27.36
C PRO A 267 -27.64 0.28 -27.92
N SER A 268 -27.17 -0.06 -29.12
CA SER A 268 -27.55 -1.32 -29.75
C SER A 268 -26.99 -2.54 -29.02
N ARG A 269 -25.94 -2.31 -28.21
CA ARG A 269 -25.28 -3.40 -27.51
C ARG A 269 -25.82 -3.58 -26.09
N TYR A 270 -26.73 -2.70 -25.69
CA TYR A 270 -27.29 -2.75 -24.34
C TYR A 270 -28.14 -4.00 -24.14
N ILE A 271 -28.17 -4.51 -22.92
CA ILE A 271 -29.00 -5.66 -22.60
C ILE A 271 -29.92 -5.35 -21.42
N THR A 272 -31.02 -6.09 -21.33
CA THR A 272 -31.98 -5.89 -20.24
C THR A 272 -31.50 -6.59 -18.97
N GLY A 273 -32.23 -6.39 -17.88
CA GLY A 273 -31.92 -7.02 -16.62
C GLY A 273 -32.08 -8.53 -16.69
N ASP A 274 -33.04 -8.97 -17.48
CA ASP A 274 -33.30 -10.40 -17.67
C ASP A 274 -32.12 -11.07 -18.37
N GLN A 275 -31.63 -10.42 -19.43
CA GLN A 275 -30.49 -10.93 -20.19
C GLN A 275 -29.25 -10.98 -19.31
N LEU A 276 -29.07 -9.94 -18.49
CA LEU A 276 -27.94 -9.88 -17.57
C LEU A 276 -28.02 -10.99 -16.53
N GLY A 277 -29.24 -11.27 -16.07
CA GLY A 277 -29.46 -12.33 -15.11
C GLY A 277 -29.16 -13.69 -15.69
N ALA A 278 -29.54 -13.90 -16.95
CA ALA A 278 -29.27 -15.15 -17.64
C ALA A 278 -27.78 -15.36 -17.83
N LEU A 279 -27.04 -14.26 -17.96
CA LEU A 279 -25.59 -14.33 -18.09
C LEU A 279 -24.95 -14.80 -16.80
N TYR A 280 -25.48 -14.34 -15.67
CA TYR A 280 -24.99 -14.74 -14.36
C TYR A 280 -25.23 -16.23 -14.12
N GLN A 281 -26.40 -16.70 -14.53
CA GLN A 281 -26.75 -18.12 -14.40
C GLN A 281 -25.76 -19.00 -15.14
N ASP A 282 -25.29 -18.53 -16.29
CA ASP A 282 -24.28 -19.24 -17.06
C ASP A 282 -22.95 -19.25 -16.31
N PHE A 283 -22.60 -18.11 -15.71
CA PHE A 283 -21.38 -18.00 -14.93
C PHE A 283 -21.38 -18.97 -13.75
N VAL A 284 -22.49 -18.99 -13.02
CA VAL A 284 -22.62 -19.85 -11.84
C VAL A 284 -22.54 -21.32 -12.23
N ARG A 285 -23.09 -21.64 -13.39
CA ARG A 285 -23.08 -23.02 -13.91
C ARG A 285 -21.70 -23.42 -14.43
N ASP A 286 -21.02 -22.49 -15.10
CA ASP A 286 -19.77 -22.79 -15.79
C ASP A 286 -18.53 -22.58 -14.91
N TYR A 287 -18.67 -21.82 -13.84
CA TYR A 287 -17.53 -21.49 -12.98
C TYR A 287 -17.90 -21.62 -11.51
N PRO A 288 -16.89 -21.86 -10.64
CA PRO A 288 -17.15 -21.97 -9.20
C PRO A 288 -17.47 -20.63 -8.56
N VAL A 289 -18.46 -19.92 -9.10
CA VAL A 289 -18.89 -18.65 -8.55
C VAL A 289 -19.92 -18.88 -7.44
N VAL A 290 -19.58 -18.48 -6.23
CA VAL A 290 -20.44 -18.70 -5.08
C VAL A 290 -21.00 -17.39 -4.52
N SER A 291 -20.55 -16.27 -5.08
CA SER A 291 -20.97 -14.96 -4.58
C SER A 291 -20.95 -13.91 -5.69
N ILE A 292 -22.02 -13.13 -5.77
CA ILE A 292 -22.10 -12.02 -6.73
C ILE A 292 -22.58 -10.75 -6.04
N GLU A 293 -21.78 -9.70 -6.13
CA GLU A 293 -22.09 -8.42 -5.50
C GLU A 293 -22.61 -7.40 -6.52
N ASP A 294 -23.65 -6.66 -6.13
CA ASP A 294 -24.30 -5.68 -7.00
C ASP A 294 -24.55 -6.17 -8.43
N PRO A 295 -25.31 -7.26 -8.59
CA PRO A 295 -25.56 -7.79 -9.93
C PRO A 295 -26.41 -6.84 -10.79
N PHE A 296 -27.21 -6.01 -10.12
CA PHE A 296 -28.06 -5.05 -10.82
C PHE A 296 -27.94 -3.65 -10.21
N ASP A 297 -28.61 -2.68 -10.82
CA ASP A 297 -28.53 -1.29 -10.39
C ASP A 297 -29.04 -1.11 -8.96
N GLN A 298 -28.57 -0.05 -8.31
CA GLN A 298 -28.92 0.26 -6.93
C GLN A 298 -30.41 0.52 -6.71
N ASP A 299 -31.15 0.75 -7.80
CA ASP A 299 -32.57 1.02 -7.70
C ASP A 299 -33.41 0.05 -8.54
N ASP A 300 -32.76 -0.93 -9.15
CA ASP A 300 -33.46 -1.95 -9.92
C ASP A 300 -33.88 -3.09 -9.00
N TRP A 301 -34.77 -2.78 -8.06
CA TRP A 301 -35.18 -3.73 -7.02
C TRP A 301 -35.81 -5.00 -7.57
N ALA A 302 -36.61 -4.86 -8.62
CA ALA A 302 -37.32 -5.99 -9.21
C ALA A 302 -36.36 -7.04 -9.75
N ALA A 303 -35.26 -6.59 -10.34
CA ALA A 303 -34.25 -7.50 -10.88
C ALA A 303 -33.51 -8.22 -9.76
N TRP A 304 -33.24 -7.49 -8.67
CA TRP A 304 -32.58 -8.07 -7.50
C TRP A 304 -33.38 -9.23 -6.92
N SER A 305 -34.64 -8.95 -6.58
CA SER A 305 -35.51 -9.94 -5.94
C SER A 305 -35.76 -11.15 -6.83
N LYS A 306 -35.95 -10.91 -8.12
CA LYS A 306 -36.22 -11.99 -9.08
C LYS A 306 -35.02 -12.92 -9.21
N PHE A 307 -33.83 -12.35 -9.31
CA PHE A 307 -32.61 -13.13 -9.49
C PHE A 307 -32.23 -13.89 -8.23
N THR A 308 -32.37 -13.23 -7.08
CA THR A 308 -32.04 -13.84 -5.79
C THR A 308 -32.93 -15.05 -5.52
N ALA A 309 -34.18 -14.97 -5.95
CA ALA A 309 -35.14 -16.04 -5.71
C ALA A 309 -34.86 -17.27 -6.58
N ASN A 310 -33.96 -17.13 -7.54
CA ASN A 310 -33.68 -18.22 -8.47
C ASN A 310 -32.23 -18.71 -8.42
N VAL A 311 -31.51 -18.37 -7.37
CA VAL A 311 -30.14 -18.84 -7.19
C VAL A 311 -29.89 -19.30 -5.76
N GLY A 312 -28.84 -20.10 -5.57
CA GLY A 312 -28.47 -20.59 -4.26
C GLY A 312 -27.22 -19.92 -3.74
N ILE A 313 -26.56 -19.16 -4.61
CA ILE A 313 -25.31 -18.50 -4.26
C ILE A 313 -25.54 -17.27 -3.39
N GLN A 314 -24.45 -16.64 -2.97
CA GLN A 314 -24.53 -15.43 -2.17
C GLN A 314 -24.76 -14.20 -3.04
N ILE A 315 -25.78 -13.43 -2.70
CA ILE A 315 -26.07 -12.18 -3.40
C ILE A 315 -25.77 -11.00 -2.48
N VAL A 316 -24.73 -10.24 -2.81
CA VAL A 316 -24.26 -9.18 -1.92
C VAL A 316 -24.77 -7.79 -2.34
N GLY A 317 -25.46 -7.13 -1.43
CA GLY A 317 -25.88 -5.76 -1.62
C GLY A 317 -24.78 -4.80 -1.18
N ASP A 318 -24.38 -3.91 -2.08
CA ASP A 318 -23.34 -2.94 -1.78
C ASP A 318 -23.89 -1.52 -1.95
N ASP A 319 -23.99 -1.08 -3.21
CA ASP A 319 -24.58 0.22 -3.50
C ASP A 319 -26.09 0.18 -3.26
N LEU A 320 -26.65 -1.03 -3.22
CA LEU A 320 -28.06 -1.22 -2.96
C LEU A 320 -28.42 -0.91 -1.52
N THR A 321 -27.57 -1.32 -0.60
CA THR A 321 -27.86 -1.23 0.83
C THR A 321 -27.03 -0.15 1.53
N VAL A 322 -25.93 0.26 0.90
CA VAL A 322 -24.97 1.25 1.42
C VAL A 322 -24.78 1.25 2.94
N THR A 323 -24.74 0.06 3.54
CA THR A 323 -24.55 -0.11 4.98
C THR A 323 -25.54 0.74 5.77
N ASN A 324 -26.74 0.87 5.22
CA ASN A 324 -27.76 1.74 5.79
C ASN A 324 -28.98 0.94 6.25
N PRO A 325 -29.28 0.97 7.56
CA PRO A 325 -30.39 0.23 8.18
C PRO A 325 -31.73 0.44 7.46
N LYS A 326 -31.99 1.68 7.05
CA LYS A 326 -33.25 2.00 6.39
C LYS A 326 -33.33 1.35 5.01
N ARG A 327 -32.18 1.19 4.36
CA ARG A 327 -32.14 0.52 3.06
C ARG A 327 -32.11 -0.99 3.21
N ILE A 328 -31.41 -1.47 4.23
CA ILE A 328 -31.31 -2.89 4.52
C ILE A 328 -32.68 -3.47 4.84
N GLU A 329 -33.44 -2.73 5.64
CA GLU A 329 -34.76 -3.17 6.07
C GLU A 329 -35.68 -3.41 4.86
N ARG A 330 -35.56 -2.56 3.85
CA ARG A 330 -36.34 -2.73 2.63
C ARG A 330 -35.88 -3.96 1.86
N ALA A 331 -34.57 -4.13 1.76
CA ALA A 331 -34.00 -5.26 1.04
C ALA A 331 -34.36 -6.58 1.70
N VAL A 332 -34.42 -6.57 3.03
CA VAL A 332 -34.85 -7.75 3.78
C VAL A 332 -36.29 -8.10 3.45
N GLU A 333 -37.16 -7.09 3.50
CA GLU A 333 -38.57 -7.26 3.18
C GLU A 333 -38.78 -7.80 1.77
N GLU A 334 -37.99 -7.28 0.82
CA GLU A 334 -38.17 -7.63 -0.58
C GLU A 334 -37.33 -8.83 -1.01
N LYS A 335 -36.49 -9.33 -0.11
CA LYS A 335 -35.56 -10.42 -0.42
C LYS A 335 -34.72 -10.09 -1.64
N ALA A 336 -34.20 -8.88 -1.69
CA ALA A 336 -33.41 -8.42 -2.84
C ALA A 336 -32.03 -9.08 -2.86
N CYS A 337 -31.54 -9.44 -1.67
CA CYS A 337 -30.23 -10.07 -1.53
C CYS A 337 -30.15 -10.83 -0.22
N ASN A 338 -29.06 -11.58 -0.04
CA ASN A 338 -28.91 -12.39 1.17
C ASN A 338 -27.59 -12.13 1.89
N CYS A 339 -26.93 -11.02 1.55
CA CYS A 339 -25.68 -10.65 2.19
C CYS A 339 -25.43 -9.15 2.11
N LEU A 340 -24.88 -8.59 3.19
CA LEU A 340 -24.60 -7.17 3.27
C LEU A 340 -23.10 -6.90 3.15
N LEU A 341 -22.74 -5.97 2.27
CA LEU A 341 -21.36 -5.50 2.22
C LEU A 341 -21.19 -4.35 3.20
N LEU A 342 -20.37 -4.57 4.23
CA LEU A 342 -20.24 -3.61 5.30
C LEU A 342 -19.10 -2.61 5.06
N LYS A 343 -19.47 -1.39 4.68
CA LYS A 343 -18.50 -0.31 4.50
C LYS A 343 -18.78 0.81 5.51
N VAL A 344 -17.88 0.99 6.46
CA VAL A 344 -18.07 1.95 7.54
C VAL A 344 -18.22 3.39 7.03
N ASN A 345 -17.57 3.71 5.91
CA ASN A 345 -17.62 5.07 5.38
C ASN A 345 -18.85 5.31 4.52
N GLN A 346 -19.64 4.26 4.32
CA GLN A 346 -20.90 4.40 3.59
C GLN A 346 -22.00 4.92 4.51
N ILE A 347 -21.85 4.69 5.80
CA ILE A 347 -22.86 5.09 6.77
C ILE A 347 -22.35 6.19 7.72
N GLY A 348 -21.05 6.17 8.01
CA GLY A 348 -20.43 7.30 8.70
C GLY A 348 -19.97 7.09 10.14
N SER A 349 -20.34 5.98 10.76
CA SER A 349 -19.89 5.73 12.13
C SER A 349 -19.77 4.23 12.42
N VAL A 350 -19.04 3.91 13.48
CA VAL A 350 -18.84 2.53 13.90
C VAL A 350 -20.14 1.95 14.46
N THR A 351 -20.81 2.74 15.29
CA THR A 351 -22.08 2.33 15.91
C THR A 351 -23.13 1.97 14.87
N GLU A 352 -23.30 2.83 13.88
CA GLU A 352 -24.28 2.59 12.82
C GLU A 352 -23.89 1.40 11.96
N ALA A 353 -22.59 1.21 11.76
CA ALA A 353 -22.09 0.09 10.98
C ALA A 353 -22.38 -1.22 11.68
N ILE A 354 -22.14 -1.25 13.00
CA ILE A 354 -22.41 -2.44 13.80
C ILE A 354 -23.91 -2.75 13.81
N GLN A 355 -24.73 -1.70 13.94
CA GLN A 355 -26.18 -1.86 13.88
C GLN A 355 -26.62 -2.43 12.55
N ALA A 356 -25.99 -1.97 11.48
CA ALA A 356 -26.30 -2.45 10.13
C ALA A 356 -25.93 -3.92 9.98
N CYS A 357 -24.82 -4.31 10.61
CA CYS A 357 -24.35 -5.68 10.55
C CYS A 357 -25.30 -6.63 11.28
N LYS A 358 -25.67 -6.27 12.50
CA LYS A 358 -26.54 -7.12 13.30
C LYS A 358 -27.95 -7.15 12.72
N LEU A 359 -28.38 -6.08 12.06
CA LEU A 359 -29.66 -6.07 11.39
C LEU A 359 -29.68 -7.11 10.27
N ALA A 360 -28.54 -7.27 9.61
CA ALA A 360 -28.40 -8.27 8.55
C ALA A 360 -28.37 -9.68 9.13
N GLN A 361 -27.50 -9.88 10.12
CA GLN A 361 -27.34 -11.19 10.74
C GLN A 361 -28.63 -11.71 11.38
N GLU A 362 -29.42 -10.79 11.91
CA GLU A 362 -30.71 -11.15 12.52
C GLU A 362 -31.68 -11.74 11.50
N ASN A 363 -31.51 -11.36 10.23
CA ASN A 363 -32.39 -11.83 9.17
C ASN A 363 -31.76 -12.94 8.34
N GLY A 364 -30.72 -13.56 8.87
CA GLY A 364 -30.09 -14.68 8.20
C GLY A 364 -29.19 -14.28 7.04
N TRP A 365 -28.89 -12.98 6.95
CA TRP A 365 -27.98 -12.50 5.93
C TRP A 365 -26.54 -12.81 6.28
N GLY A 366 -25.71 -12.97 5.25
CA GLY A 366 -24.27 -13.00 5.44
C GLY A 366 -23.79 -11.55 5.54
N VAL A 367 -22.58 -11.36 6.03
CA VAL A 367 -21.99 -10.02 6.09
C VAL A 367 -20.56 -10.06 5.61
N MET A 368 -20.23 -9.25 4.61
CA MET A 368 -18.85 -9.16 4.15
C MET A 368 -18.29 -7.78 4.45
N VAL A 369 -17.38 -7.70 5.41
CA VAL A 369 -16.71 -6.45 5.71
C VAL A 369 -15.85 -6.06 4.51
N SER A 370 -15.86 -4.79 4.15
CA SER A 370 -15.17 -4.36 2.95
C SER A 370 -14.36 -3.08 3.09
N HIS A 371 -13.33 -2.96 2.31
CA HIS A 371 -12.53 -1.79 2.19
C HIS A 371 -13.17 -0.87 1.13
N ARG A 372 -12.49 0.20 0.76
CA ARG A 372 -12.87 1.00 -0.39
C ARG A 372 -11.76 0.90 -1.42
N SER A 373 -12.04 1.29 -2.66
CA SER A 373 -11.02 1.22 -3.72
C SER A 373 -9.86 2.15 -3.38
N GLY A 374 -10.14 3.23 -2.66
CA GLY A 374 -9.10 4.09 -2.14
C GLY A 374 -8.97 3.86 -0.65
N GLU A 375 -7.85 3.26 -0.23
CA GLU A 375 -7.62 2.93 1.17
C GLU A 375 -6.38 3.64 1.71
N THR A 376 -6.09 3.39 2.99
CA THR A 376 -4.90 3.91 3.63
C THR A 376 -4.15 2.78 4.34
N GLU A 377 -3.16 3.15 5.14
CA GLU A 377 -2.39 2.18 5.90
C GLU A 377 -3.14 1.72 7.15
N ASP A 378 -4.35 2.26 7.32
CA ASP A 378 -5.22 1.89 8.44
C ASP A 378 -5.63 0.42 8.35
N THR A 379 -5.73 -0.24 9.49
CA THR A 379 -6.07 -1.66 9.52
C THR A 379 -7.29 -1.97 10.41
N PHE A 380 -8.17 -0.97 10.57
CA PHE A 380 -9.30 -1.10 11.47
C PHE A 380 -10.25 -2.25 11.09
N ILE A 381 -10.54 -2.39 9.81
CA ILE A 381 -11.54 -3.37 9.36
C ILE A 381 -11.08 -4.80 9.57
N ALA A 382 -9.78 -4.99 9.82
CA ALA A 382 -9.26 -6.31 10.14
C ALA A 382 -9.77 -6.76 11.50
N ASP A 383 -9.63 -5.89 12.49
CA ASP A 383 -10.16 -6.16 13.82
C ASP A 383 -11.69 -6.18 13.81
N LEU A 384 -12.27 -5.38 12.90
CA LEU A 384 -13.71 -5.26 12.80
C LEU A 384 -14.37 -6.57 12.38
N VAL A 385 -13.86 -7.18 11.32
CA VAL A 385 -14.46 -8.39 10.76
C VAL A 385 -14.32 -9.56 11.73
N VAL A 386 -13.28 -9.53 12.56
CA VAL A 386 -13.08 -10.57 13.57
C VAL A 386 -14.05 -10.38 14.73
N GLY A 387 -14.16 -9.13 15.19
CA GLY A 387 -15.05 -8.81 16.29
C GLY A 387 -16.52 -9.01 15.98
N LEU A 388 -16.89 -8.80 14.72
CA LEU A 388 -18.27 -8.96 14.30
C LEU A 388 -18.59 -10.39 13.90
N CYS A 389 -17.54 -11.20 13.74
CA CYS A 389 -17.69 -12.61 13.40
C CYS A 389 -18.52 -12.83 12.15
N THR A 390 -18.14 -12.15 11.06
CA THR A 390 -18.91 -12.22 9.83
C THR A 390 -18.40 -13.33 8.91
N GLY A 391 -17.15 -13.74 9.11
CA GLY A 391 -16.59 -14.87 8.41
C GLY A 391 -16.12 -14.59 6.98
N GLN A 392 -16.26 -13.34 6.54
CA GLN A 392 -15.79 -12.99 5.19
C GLN A 392 -15.42 -11.52 5.06
N ILE A 393 -14.28 -11.27 4.42
CA ILE A 393 -13.82 -9.91 4.19
C ILE A 393 -13.16 -9.80 2.82
N LYS A 394 -13.40 -8.70 2.12
CA LYS A 394 -12.58 -8.36 0.97
C LYS A 394 -11.86 -7.05 1.26
N THR A 395 -10.53 -7.11 1.21
CA THR A 395 -9.72 -5.92 1.44
C THR A 395 -8.57 -5.90 0.46
N GLY A 396 -8.86 -6.33 -0.77
CA GLY A 396 -7.93 -6.21 -1.87
C GLY A 396 -7.26 -7.49 -2.30
N ALA A 397 -6.55 -7.42 -3.42
CA ALA A 397 -5.67 -8.48 -3.86
C ALA A 397 -4.49 -8.59 -2.91
N PRO A 398 -3.75 -9.72 -2.94
CA PRO A 398 -2.52 -9.77 -2.14
C PRO A 398 -1.43 -8.90 -2.76
N CYS A 399 -1.75 -7.64 -3.04
CA CYS A 399 -0.85 -6.70 -3.68
C CYS A 399 -1.23 -5.29 -3.24
N ARG A 400 -0.23 -4.40 -3.16
CA ARG A 400 -0.38 -3.06 -2.59
C ARG A 400 -0.65 -3.12 -1.09
N SER A 401 0.19 -2.46 -0.31
CA SER A 401 0.19 -2.63 1.14
C SER A 401 -1.02 -2.03 1.86
N GLU A 402 -1.82 -1.23 1.18
CA GLU A 402 -3.06 -0.76 1.79
C GLU A 402 -4.04 -1.93 1.84
N ARG A 403 -3.71 -2.98 1.11
CA ARG A 403 -4.46 -4.22 1.15
C ARG A 403 -3.79 -5.20 2.11
N LEU A 404 -2.47 -5.37 1.97
CA LEU A 404 -1.73 -6.31 2.80
C LEU A 404 -1.75 -5.95 4.28
N ALA A 405 -1.83 -4.66 4.59
CA ALA A 405 -1.84 -4.20 5.97
C ALA A 405 -2.99 -4.83 6.74
N LYS A 406 -4.14 -4.95 6.08
CA LYS A 406 -5.30 -5.61 6.67
C LYS A 406 -5.06 -7.11 6.81
N TYR A 407 -4.58 -7.72 5.72
CA TYR A 407 -4.32 -9.16 5.70
C TYR A 407 -3.25 -9.56 6.72
N ASN A 408 -2.19 -8.76 6.80
CA ASN A 408 -1.13 -9.01 7.76
C ASN A 408 -1.63 -8.89 9.20
N GLN A 409 -2.49 -7.90 9.43
CA GLN A 409 -3.07 -7.70 10.76
C GLN A 409 -3.95 -8.87 11.16
N LEU A 410 -4.66 -9.43 10.18
CA LEU A 410 -5.52 -10.58 10.41
C LEU A 410 -4.70 -11.82 10.76
N MET A 411 -3.52 -11.94 10.15
CA MET A 411 -2.60 -13.02 10.49
C MET A 411 -2.09 -12.85 11.92
N ARG A 412 -1.86 -11.61 12.31
CA ARG A 412 -1.43 -11.29 13.68
C ARG A 412 -2.53 -11.64 14.68
N ILE A 413 -3.77 -11.36 14.31
CA ILE A 413 -4.91 -11.64 15.18
C ILE A 413 -5.07 -13.15 15.39
N GLU A 414 -4.99 -13.91 14.30
CA GLU A 414 -5.10 -15.36 14.38
C GLU A 414 -3.97 -15.93 15.24
N GLU A 415 -2.78 -15.36 15.10
CA GLU A 415 -1.63 -15.74 15.91
C GLU A 415 -1.89 -15.45 17.39
N GLU A 416 -2.48 -14.29 17.66
CA GLU A 416 -2.74 -13.87 19.03
C GLU A 416 -3.82 -14.71 19.69
N LEU A 417 -4.76 -15.20 18.88
CA LEU A 417 -5.87 -16.00 19.40
C LEU A 417 -5.43 -17.41 19.76
N GLY A 418 -4.32 -17.85 19.18
CA GLY A 418 -3.76 -19.15 19.49
C GLY A 418 -4.67 -20.33 19.17
N ASP A 419 -4.81 -21.23 20.13
CA ASP A 419 -5.60 -22.44 19.93
C ASP A 419 -7.10 -22.17 19.87
N GLU A 420 -7.49 -20.95 20.19
CA GLU A 420 -8.90 -20.56 20.16
C GLU A 420 -9.25 -19.87 18.84
N ALA A 421 -8.29 -19.86 17.92
CA ALA A 421 -8.51 -19.27 16.60
C ALA A 421 -9.30 -20.21 15.72
N ARG A 422 -10.39 -19.72 15.15
CA ARG A 422 -11.23 -20.51 14.26
C ARG A 422 -11.34 -19.88 12.89
N PHE A 423 -11.09 -20.67 11.85
CA PHE A 423 -11.23 -20.20 10.47
C PHE A 423 -12.61 -20.55 9.94
N ALA A 424 -13.27 -19.56 9.35
CA ALA A 424 -14.65 -19.74 8.86
C ALA A 424 -14.73 -20.85 7.81
N GLY A 425 -13.76 -20.90 6.92
CA GLY A 425 -13.68 -21.95 5.92
C GLY A 425 -14.87 -22.02 4.98
N HIS A 426 -15.48 -23.19 4.88
CA HIS A 426 -16.59 -23.41 3.96
C HIS A 426 -17.90 -22.80 4.48
N ASN A 427 -17.88 -22.35 5.72
CA ASN A 427 -19.04 -21.70 6.31
C ASN A 427 -18.85 -20.19 6.43
N PHE A 428 -18.32 -19.58 5.38
CA PHE A 428 -18.05 -18.15 5.39
C PHE A 428 -19.34 -17.32 5.32
N ARG A 429 -20.39 -17.92 4.75
CA ARG A 429 -21.66 -17.22 4.60
C ARG A 429 -22.39 -17.08 5.93
N ASN A 430 -22.34 -18.13 6.76
CA ASN A 430 -22.94 -18.11 8.09
C ASN A 430 -21.98 -18.65 9.16
N PRO A 431 -20.92 -17.90 9.48
CA PRO A 431 -19.83 -18.37 10.36
C PRO A 431 -20.30 -18.80 11.76
N SER A 432 -21.47 -18.32 12.18
CA SER A 432 -21.99 -18.67 13.50
C SER A 432 -22.42 -20.13 13.55
N VAL A 433 -22.63 -20.72 12.38
CA VAL A 433 -23.01 -22.12 12.27
C VAL A 433 -21.81 -23.03 12.55
N LEU A 434 -20.64 -22.43 12.67
CA LEU A 434 -19.42 -23.17 12.99
C LEU A 434 -19.40 -23.58 14.46
N MET B 1 16.38 -7.34 32.27
CA MET B 1 17.04 -6.23 31.61
C MET B 1 16.17 -5.61 30.52
N SER B 2 16.81 -4.96 29.55
CA SER B 2 16.12 -4.15 28.55
C SER B 2 15.11 -4.94 27.70
N ILE B 3 15.59 -5.97 27.01
CA ILE B 3 14.75 -6.71 26.08
C ILE B 3 14.04 -7.89 26.75
N GLU B 4 12.71 -7.87 26.70
CA GLU B 4 11.91 -8.90 27.36
C GLU B 4 11.50 -10.01 26.39
N LYS B 5 11.26 -9.65 25.13
CA LYS B 5 10.89 -10.64 24.11
C LYS B 5 11.13 -10.12 22.70
N ILE B 6 11.68 -10.98 21.85
CA ILE B 6 11.78 -10.71 20.42
C ILE B 6 11.10 -11.84 19.64
N TRP B 7 10.04 -11.50 18.94
CA TRP B 7 9.28 -12.49 18.18
C TRP B 7 9.12 -12.08 16.72
N ALA B 8 9.54 -12.96 15.81
CA ALA B 8 9.45 -12.69 14.38
C ALA B 8 8.34 -13.52 13.74
N ARG B 9 7.77 -12.99 12.67
CA ARG B 9 6.72 -13.71 11.94
C ARG B 9 6.82 -13.44 10.44
N GLU B 10 6.00 -14.16 9.67
CA GLU B 10 6.00 -14.05 8.23
C GLU B 10 4.81 -13.24 7.74
N ILE B 11 5.08 -12.08 7.14
CA ILE B 11 4.03 -11.25 6.56
C ILE B 11 4.25 -11.12 5.05
N LEU B 12 3.31 -10.48 4.36
CA LEU B 12 3.42 -10.29 2.92
C LEU B 12 3.78 -8.85 2.58
N ASP B 13 4.63 -8.68 1.58
CA ASP B 13 5.01 -7.32 1.15
C ASP B 13 4.04 -6.79 0.10
N SER B 14 4.41 -5.67 -0.52
CA SER B 14 3.51 -4.96 -1.41
C SER B 14 3.24 -5.66 -2.74
N ARG B 15 4.08 -6.64 -3.09
CA ARG B 15 3.85 -7.39 -4.33
C ARG B 15 3.42 -8.82 -4.05
N GLY B 16 3.17 -9.13 -2.78
CA GLY B 16 2.61 -10.42 -2.40
C GLY B 16 3.62 -11.46 -1.98
N ASN B 17 4.88 -11.05 -1.84
CA ASN B 17 5.92 -11.97 -1.41
C ASN B 17 6.13 -11.91 0.10
N PRO B 18 6.44 -13.06 0.71
CA PRO B 18 6.72 -13.11 2.15
C PRO B 18 7.94 -12.28 2.53
N THR B 19 7.87 -11.64 3.70
CA THR B 19 9.02 -10.93 4.24
C THR B 19 9.00 -11.00 5.77
N VAL B 20 10.09 -10.56 6.38
CA VAL B 20 10.25 -10.67 7.83
C VAL B 20 9.66 -9.48 8.58
N GLU B 21 8.87 -9.78 9.61
CA GLU B 21 8.40 -8.75 10.54
C GLU B 21 8.81 -9.13 11.96
N VAL B 22 9.35 -8.16 12.71
CA VAL B 22 9.86 -8.43 14.05
C VAL B 22 9.13 -7.62 15.11
N ASP B 23 8.67 -8.31 16.15
CA ASP B 23 8.09 -7.66 17.32
C ASP B 23 9.07 -7.71 18.49
N LEU B 24 9.47 -6.54 18.97
CA LEU B 24 10.39 -6.47 20.11
C LEU B 24 9.71 -5.82 21.31
N TYR B 25 9.78 -6.51 22.45
CA TYR B 25 9.12 -6.04 23.67
C TYR B 25 10.12 -5.53 24.71
N THR B 26 9.87 -4.32 25.20
CA THR B 26 10.57 -3.81 26.37
C THR B 26 9.53 -3.41 27.41
N ALA B 27 9.96 -2.83 28.51
CA ALA B 27 9.05 -2.37 29.54
C ALA B 27 8.16 -1.25 29.02
N LYS B 28 8.63 -0.55 27.99
CA LYS B 28 7.89 0.56 27.41
C LYS B 28 6.94 0.12 26.29
N GLY B 29 6.92 -1.18 26.01
CA GLY B 29 5.92 -1.72 25.11
C GLY B 29 6.41 -2.49 23.90
N LEU B 30 5.60 -2.46 22.85
CA LEU B 30 5.83 -3.25 21.64
C LEU B 30 6.37 -2.40 20.49
N PHE B 31 7.47 -2.85 19.90
CA PHE B 31 8.09 -2.12 18.79
C PHE B 31 8.23 -3.02 17.57
N ARG B 32 7.52 -2.65 16.52
CA ARG B 32 7.38 -3.49 15.34
C ARG B 32 8.10 -2.92 14.12
N ALA B 33 8.78 -3.79 13.39
CA ALA B 33 9.47 -3.40 12.17
C ALA B 33 9.35 -4.48 11.10
N ALA B 34 9.39 -4.06 9.84
CA ALA B 34 9.30 -5.00 8.73
C ALA B 34 10.40 -4.73 7.71
N VAL B 35 10.79 -5.78 6.99
CA VAL B 35 11.91 -5.70 6.04
C VAL B 35 11.42 -5.59 4.61
N PRO B 36 11.90 -4.58 3.87
CA PRO B 36 11.58 -4.43 2.45
C PRO B 36 12.31 -5.46 1.60
N SER B 37 11.92 -5.57 0.32
CA SER B 37 12.56 -6.54 -0.57
C SER B 37 12.68 -5.99 -1.99
N GLY B 38 13.88 -6.10 -2.55
CA GLY B 38 14.14 -5.58 -3.88
C GLY B 38 13.90 -6.60 -4.98
N ALA B 39 13.70 -6.10 -6.19
CA ALA B 39 13.57 -6.96 -7.36
C ALA B 39 14.81 -6.85 -8.24
N SER B 40 15.18 -5.61 -8.58
CA SER B 40 16.41 -5.37 -9.33
C SER B 40 17.58 -5.26 -8.36
N THR B 41 17.90 -6.37 -7.69
CA THR B 41 18.92 -6.36 -6.65
C THR B 41 20.32 -6.48 -7.25
N GLY B 42 21.25 -5.72 -6.68
CA GLY B 42 22.64 -5.79 -7.10
C GLY B 42 23.28 -7.05 -6.60
N ILE B 43 24.29 -7.53 -7.32
CA ILE B 43 24.94 -8.79 -6.98
C ILE B 43 25.77 -8.69 -5.70
N TYR B 44 26.02 -7.46 -5.25
CA TYR B 44 26.86 -7.25 -4.07
C TYR B 44 26.03 -6.92 -2.83
N GLU B 45 24.71 -6.98 -2.96
CA GLU B 45 23.83 -6.77 -1.81
C GLU B 45 24.00 -7.89 -0.80
N ALA B 46 23.74 -7.58 0.47
CA ALA B 46 23.75 -8.60 1.51
C ALA B 46 22.65 -9.61 1.23
N LEU B 47 22.85 -10.85 1.67
CA LEU B 47 21.96 -11.95 1.29
C LEU B 47 20.54 -11.81 1.83
N GLU B 48 19.57 -11.87 0.93
CA GLU B 48 18.17 -12.01 1.31
C GLU B 48 17.84 -13.49 1.40
N LEU B 49 17.70 -14.00 2.61
CA LEU B 49 17.50 -15.43 2.81
C LEU B 49 16.06 -15.87 2.52
N ARG B 50 15.91 -16.70 1.49
CA ARG B 50 14.62 -17.28 1.13
C ARG B 50 14.64 -18.79 1.36
N ASP B 51 13.48 -19.36 1.69
CA ASP B 51 13.39 -20.77 2.04
C ASP B 51 13.76 -21.70 0.88
N GLY B 52 13.22 -21.42 -0.30
CA GLY B 52 13.50 -22.22 -1.47
C GLY B 52 12.57 -23.40 -1.62
N ASP B 53 11.53 -23.45 -0.81
CA ASP B 53 10.55 -24.52 -0.89
C ASP B 53 9.58 -24.25 -2.03
N LYS B 54 9.70 -25.03 -3.10
CA LYS B 54 8.91 -24.80 -4.31
C LYS B 54 7.41 -24.99 -4.09
N GLN B 55 7.04 -25.70 -3.03
CA GLN B 55 5.64 -25.97 -2.74
C GLN B 55 5.04 -24.91 -1.83
N ARG B 56 5.81 -23.89 -1.50
CA ARG B 56 5.35 -22.84 -0.59
C ARG B 56 5.79 -21.45 -1.06
N TYR B 57 4.81 -20.64 -1.43
CA TYR B 57 5.05 -19.29 -1.93
C TYR B 57 6.02 -19.25 -3.11
N LEU B 58 6.02 -20.32 -3.91
CA LEU B 58 6.90 -20.46 -5.05
C LEU B 58 8.37 -20.28 -4.67
N GLY B 59 8.71 -20.71 -3.46
CA GLY B 59 10.09 -20.66 -2.98
C GLY B 59 10.49 -19.34 -2.34
N LYS B 60 9.54 -18.46 -2.11
CA LYS B 60 9.83 -17.12 -1.60
C LYS B 60 9.56 -16.99 -0.10
N GLY B 61 9.34 -18.11 0.57
CA GLY B 61 9.08 -18.09 2.00
C GLY B 61 10.26 -17.59 2.81
N VAL B 62 10.01 -17.09 4.01
CA VAL B 62 11.07 -16.61 4.88
C VAL B 62 11.01 -17.26 6.26
N LEU B 63 10.57 -18.51 6.31
CA LEU B 63 10.46 -19.24 7.56
C LEU B 63 11.81 -19.44 8.24
N LYS B 64 12.86 -19.66 7.43
CA LYS B 64 14.19 -19.87 7.96
C LYS B 64 14.73 -18.62 8.63
N ALA B 65 14.56 -17.48 7.98
CA ALA B 65 14.98 -16.19 8.53
C ALA B 65 14.21 -15.89 9.81
N VAL B 66 12.90 -16.17 9.79
CA VAL B 66 12.05 -16.01 10.96
C VAL B 66 12.55 -16.92 12.09
N ASP B 67 12.88 -18.15 11.74
CA ASP B 67 13.39 -19.12 12.72
C ASP B 67 14.72 -18.69 13.31
N HIS B 68 15.60 -18.14 12.47
CA HIS B 68 16.91 -17.68 12.93
C HIS B 68 16.78 -16.61 14.00
N ILE B 69 15.77 -15.76 13.86
CA ILE B 69 15.51 -14.72 14.85
C ILE B 69 14.94 -15.33 16.14
N ASN B 70 13.87 -16.08 16.00
CA ASN B 70 13.16 -16.63 17.16
C ASN B 70 13.95 -17.67 17.94
N SER B 71 14.77 -18.47 17.23
CA SER B 71 15.49 -19.56 17.87
C SER B 71 16.91 -19.20 18.29
N THR B 72 17.55 -18.29 17.56
CA THR B 72 18.97 -18.02 17.78
C THR B 72 19.28 -16.58 18.16
N ILE B 73 18.83 -15.64 17.34
CA ILE B 73 19.16 -14.22 17.54
C ILE B 73 18.52 -13.66 18.80
N ALA B 74 17.23 -13.90 18.98
CA ALA B 74 16.49 -13.34 20.12
C ALA B 74 17.06 -13.74 21.48
N PRO B 75 17.30 -15.05 21.74
CA PRO B 75 17.82 -15.36 23.06
C PRO B 75 19.25 -14.87 23.27
N ALA B 76 19.96 -14.61 22.19
CA ALA B 76 21.33 -14.13 22.27
C ALA B 76 21.39 -12.65 22.65
N LEU B 77 20.42 -11.88 22.15
CA LEU B 77 20.35 -10.45 22.45
C LEU B 77 19.80 -10.22 23.85
N ILE B 78 18.85 -11.06 24.26
CA ILE B 78 18.25 -10.95 25.58
C ILE B 78 19.27 -11.32 26.67
N SER B 79 20.08 -12.33 26.38
CA SER B 79 21.11 -12.77 27.33
C SER B 79 22.27 -11.79 27.42
N SER B 80 22.40 -10.93 26.42
CA SER B 80 23.50 -9.96 26.37
C SER B 80 23.37 -8.93 27.49
N GLY B 81 22.14 -8.64 27.89
CA GLY B 81 21.89 -7.65 28.93
C GLY B 81 22.16 -6.25 28.44
N LEU B 82 22.16 -6.07 27.11
CA LEU B 82 22.41 -4.77 26.51
C LEU B 82 21.12 -3.96 26.41
N SER B 83 21.22 -2.67 26.68
CA SER B 83 20.09 -1.76 26.55
C SER B 83 19.76 -1.55 25.07
N VAL B 84 18.48 -1.36 24.78
CA VAL B 84 18.04 -1.15 23.40
C VAL B 84 18.59 0.15 22.81
N VAL B 85 19.08 1.04 23.67
CA VAL B 85 19.68 2.29 23.22
C VAL B 85 21.07 2.04 22.66
N GLU B 86 21.65 0.89 22.99
CA GLU B 86 22.98 0.52 22.51
C GLU B 86 22.89 -0.10 21.12
N GLN B 87 22.49 0.72 20.15
CA GLN B 87 22.27 0.26 18.78
C GLN B 87 23.51 -0.41 18.19
N GLU B 88 24.67 0.21 18.41
CA GLU B 88 25.90 -0.26 17.80
C GLU B 88 26.36 -1.60 18.37
N LYS B 89 26.27 -1.74 19.70
CA LYS B 89 26.68 -2.98 20.37
C LYS B 89 25.77 -4.15 20.00
N LEU B 90 24.48 -3.87 19.91
CA LEU B 90 23.50 -4.90 19.57
C LEU B 90 23.64 -5.36 18.12
N ASP B 91 23.92 -4.40 17.23
CA ASP B 91 24.12 -4.73 15.82
C ASP B 91 25.40 -5.52 15.62
N ASN B 92 26.48 -5.08 16.28
CA ASN B 92 27.74 -5.79 16.24
C ASN B 92 27.61 -7.22 16.73
N LEU B 93 26.77 -7.41 17.74
CA LEU B 93 26.54 -8.73 18.33
C LEU B 93 25.93 -9.68 17.31
N MET B 94 24.99 -9.17 16.52
CA MET B 94 24.35 -9.99 15.48
C MET B 94 25.30 -10.24 14.32
N LEU B 95 26.12 -9.25 13.98
CA LEU B 95 27.12 -9.39 12.93
C LEU B 95 28.09 -10.51 13.27
N GLU B 96 28.50 -10.57 14.53
CA GLU B 96 29.46 -11.56 14.99
C GLU B 96 28.80 -12.93 15.17
N LEU B 97 27.53 -12.92 15.56
CA LEU B 97 26.79 -14.17 15.71
C LEU B 97 26.58 -14.83 14.35
N ASP B 98 26.32 -13.99 13.34
CA ASP B 98 26.24 -14.47 11.96
C ASP B 98 27.63 -14.88 11.48
N GLY B 99 28.62 -14.03 11.71
CA GLY B 99 30.00 -14.36 11.45
C GLY B 99 30.42 -14.40 9.99
N THR B 100 29.50 -14.05 9.09
CA THR B 100 29.81 -14.07 7.67
C THR B 100 29.84 -12.68 7.06
N GLU B 101 30.58 -12.52 5.97
CA GLU B 101 30.76 -11.23 5.32
C GLU B 101 29.46 -10.64 4.80
N ASN B 102 28.66 -11.46 4.13
CA ASN B 102 27.43 -10.97 3.50
C ASN B 102 26.16 -11.40 4.22
N LYS B 103 26.31 -11.75 5.51
CA LYS B 103 25.19 -12.18 6.34
C LYS B 103 24.45 -13.37 5.72
N SER B 104 25.22 -14.37 5.29
CA SER B 104 24.65 -15.51 4.58
C SER B 104 24.12 -16.58 5.52
N LYS B 105 24.52 -16.53 6.78
CA LYS B 105 24.10 -17.54 7.76
C LYS B 105 22.68 -17.31 8.24
N PHE B 106 22.39 -16.09 8.69
CA PHE B 106 21.05 -15.76 9.19
C PHE B 106 20.21 -15.09 8.11
N GLY B 107 20.87 -14.40 7.19
CA GLY B 107 20.17 -13.61 6.19
C GLY B 107 20.14 -12.15 6.63
N ALA B 108 20.32 -11.24 5.68
CA ALA B 108 20.29 -9.82 5.99
C ALA B 108 18.90 -9.39 6.42
N ASN B 109 17.89 -10.05 5.86
CA ASN B 109 16.50 -9.75 6.19
C ASN B 109 16.15 -10.16 7.62
N ALA B 110 16.92 -11.09 8.18
CA ALA B 110 16.71 -11.52 9.55
C ALA B 110 17.37 -10.55 10.53
N ILE B 111 18.62 -10.18 10.23
CA ILE B 111 19.37 -9.27 11.06
C ILE B 111 18.76 -7.87 11.07
N LEU B 112 18.37 -7.38 9.89
CA LEU B 112 17.82 -6.04 9.77
C LEU B 112 16.50 -5.88 10.53
N GLY B 113 15.63 -6.89 10.42
CA GLY B 113 14.34 -6.87 11.08
C GLY B 113 14.47 -6.59 12.57
N VAL B 114 15.45 -7.22 13.19
CA VAL B 114 15.74 -7.00 14.60
C VAL B 114 16.38 -5.64 14.81
N SER B 115 17.33 -5.31 13.93
CA SER B 115 18.05 -4.04 14.03
C SER B 115 17.11 -2.84 13.96
N LEU B 116 16.08 -2.95 13.13
CA LEU B 116 15.10 -1.88 12.99
C LEU B 116 14.21 -1.79 14.22
N ALA B 117 13.79 -2.94 14.74
CA ALA B 117 12.95 -3.00 15.92
C ALA B 117 13.70 -2.50 17.14
N VAL B 118 14.98 -2.87 17.24
CA VAL B 118 15.85 -2.39 18.31
C VAL B 118 15.92 -0.87 18.30
N CYS B 119 16.04 -0.30 17.11
CA CYS B 119 16.17 1.15 16.96
C CYS B 119 14.94 1.88 17.45
N LYS B 120 13.76 1.36 17.13
CA LYS B 120 12.51 1.96 17.56
C LYS B 120 12.35 1.85 19.08
N ALA B 121 12.76 0.70 19.62
CA ALA B 121 12.72 0.48 21.06
C ALA B 121 13.68 1.42 21.77
N GLY B 122 14.84 1.65 21.16
CA GLY B 122 15.84 2.55 21.72
C GLY B 122 15.36 3.98 21.75
N ALA B 123 14.60 4.37 20.73
CA ALA B 123 14.07 5.72 20.63
C ALA B 123 13.14 6.04 21.80
N ALA B 124 12.24 5.11 22.09
CA ALA B 124 11.28 5.29 23.18
C ALA B 124 11.98 5.24 24.53
N GLU B 125 13.01 4.41 24.64
CA GLU B 125 13.78 4.32 25.87
C GLU B 125 14.48 5.64 26.16
N ARG B 126 14.87 6.33 25.09
CA ARG B 126 15.51 7.64 25.21
C ARG B 126 14.48 8.76 25.30
N GLU B 127 13.20 8.38 25.32
CA GLU B 127 12.09 9.34 25.31
C GLU B 127 12.21 10.31 24.14
N LEU B 128 12.53 9.78 22.97
CA LEU B 128 12.69 10.57 21.78
C LEU B 128 11.89 10.01 20.61
N PRO B 129 11.43 10.90 19.71
CA PRO B 129 10.90 10.42 18.43
C PRO B 129 12.00 9.71 17.65
N LEU B 130 11.63 8.77 16.79
CA LEU B 130 12.59 7.92 16.12
C LEU B 130 13.64 8.70 15.31
N TYR B 131 13.20 9.78 14.67
CA TYR B 131 14.11 10.56 13.83
C TYR B 131 15.15 11.30 14.67
N ARG B 132 14.82 11.63 15.91
CA ARG B 132 15.77 12.29 16.80
C ARG B 132 16.76 11.30 17.38
N HIS B 133 16.29 10.09 17.65
CA HIS B 133 17.16 9.02 18.14
C HIS B 133 18.19 8.67 17.10
N ILE B 134 17.75 8.64 15.84
CA ILE B 134 18.63 8.34 14.72
C ILE B 134 19.65 9.47 14.52
N ALA B 135 19.19 10.70 14.69
CA ALA B 135 20.06 11.87 14.55
C ALA B 135 21.21 11.83 15.56
N GLN B 136 20.91 11.40 16.77
CA GLN B 136 21.92 11.31 17.82
C GLN B 136 22.83 10.09 17.60
N LEU B 137 22.27 9.04 17.00
CA LEU B 137 23.07 7.87 16.64
C LEU B 137 24.08 8.23 15.56
N ALA B 138 23.71 9.19 14.71
CA ALA B 138 24.57 9.63 13.62
C ALA B 138 25.35 10.87 14.00
N GLY B 139 25.03 11.44 15.16
CA GLY B 139 25.71 12.62 15.65
C GLY B 139 25.26 13.89 14.96
N ASN B 140 23.99 13.93 14.57
CA ASN B 140 23.43 15.10 13.90
C ASN B 140 22.67 15.99 14.89
N SER B 141 22.71 17.30 14.63
CA SER B 141 22.08 18.26 15.52
C SER B 141 20.84 18.90 14.90
N ASP B 142 20.98 19.36 13.66
CA ASP B 142 19.91 20.08 12.98
C ASP B 142 19.25 19.24 11.88
N LEU B 143 17.94 19.04 12.01
CA LEU B 143 17.20 18.14 11.13
C LEU B 143 16.76 18.79 9.82
N ILE B 144 16.38 17.95 8.86
CA ILE B 144 15.96 18.43 7.55
C ILE B 144 14.82 17.58 6.98
N LEU B 145 13.77 18.25 6.50
CA LEU B 145 12.73 17.58 5.73
C LEU B 145 13.20 17.45 4.29
N PRO B 146 13.17 16.21 3.76
CA PRO B 146 13.73 15.91 2.44
C PRO B 146 12.82 16.30 1.28
N VAL B 147 13.41 16.51 0.11
CA VAL B 147 12.64 16.64 -1.13
C VAL B 147 12.27 15.24 -1.60
N PRO B 148 10.96 14.98 -1.75
CA PRO B 148 10.50 13.66 -2.19
C PRO B 148 10.74 13.43 -3.68
N ALA B 149 11.17 12.22 -4.05
CA ALA B 149 11.36 11.86 -5.45
C ALA B 149 10.34 10.82 -5.86
N PHE B 150 9.24 11.27 -6.46
CA PHE B 150 8.13 10.38 -6.82
C PHE B 150 8.37 9.64 -8.14
N ASN B 151 8.41 8.32 -8.07
CA ASN B 151 8.55 7.47 -9.26
C ASN B 151 7.24 7.36 -10.03
N VAL B 152 7.00 8.30 -10.93
CA VAL B 152 5.69 8.41 -11.58
C VAL B 152 5.57 7.65 -12.90
N ILE B 153 6.70 7.24 -13.48
CA ILE B 153 6.69 6.38 -14.66
C ILE B 153 7.56 5.16 -14.43
N ASN B 154 6.95 3.98 -14.47
CA ASN B 154 7.67 2.75 -14.18
C ASN B 154 8.06 1.96 -15.43
N GLY B 155 9.36 1.68 -15.54
CA GLY B 155 9.87 0.80 -16.58
C GLY B 155 10.76 -0.25 -15.94
N GLY B 156 11.63 -0.85 -16.74
CA GLY B 156 12.61 -1.79 -16.19
C GLY B 156 12.17 -3.24 -16.22
N SER B 157 12.92 -4.07 -15.51
CA SER B 157 12.77 -5.53 -15.55
C SER B 157 11.39 -6.03 -15.14
N HIS B 158 10.77 -5.36 -14.17
CA HIS B 158 9.54 -5.86 -13.59
C HIS B 158 8.34 -4.97 -13.87
N ALA B 159 8.41 -4.19 -14.94
CA ALA B 159 7.28 -3.37 -15.37
C ALA B 159 6.70 -3.92 -16.67
N GLY B 160 5.38 -3.88 -16.78
CA GLY B 160 4.69 -4.42 -17.94
C GLY B 160 4.71 -3.50 -19.14
N ASN B 161 5.90 -3.25 -19.67
CA ASN B 161 6.07 -2.44 -20.87
C ASN B 161 7.42 -2.69 -21.54
N LYS B 162 7.73 -1.90 -22.57
CA LYS B 162 9.00 -2.05 -23.27
C LYS B 162 10.06 -1.13 -22.67
N LEU B 163 9.61 -0.15 -21.89
CA LEU B 163 10.48 0.87 -21.32
C LEU B 163 11.65 0.26 -20.54
N ALA B 164 12.87 0.47 -21.06
CA ALA B 164 14.06 -0.17 -20.50
C ALA B 164 14.47 0.43 -19.15
N MET B 165 14.57 1.75 -19.10
CA MET B 165 14.99 2.41 -17.88
C MET B 165 13.90 2.31 -16.80
N GLN B 166 14.35 2.17 -15.56
CA GLN B 166 13.50 1.68 -14.48
C GLN B 166 12.56 2.72 -13.88
N GLU B 167 13.10 3.88 -13.53
CA GLU B 167 12.31 4.88 -12.81
C GLU B 167 12.44 6.29 -13.38
N PHE B 168 11.31 6.97 -13.54
CA PHE B 168 11.29 8.37 -13.94
C PHE B 168 10.62 9.19 -12.84
N MET B 169 11.41 10.04 -12.20
CA MET B 169 10.97 10.69 -10.97
C MET B 169 10.79 12.20 -11.09
N ILE B 170 9.87 12.74 -10.29
CA ILE B 170 9.69 14.18 -10.18
C ILE B 170 10.10 14.66 -8.79
N LEU B 171 10.78 15.80 -8.75
CA LEU B 171 11.28 16.35 -7.48
C LEU B 171 10.81 17.78 -7.28
N PRO B 172 9.82 17.98 -6.39
CA PRO B 172 9.30 19.32 -6.09
C PRO B 172 10.29 20.16 -5.29
N VAL B 173 11.42 20.49 -5.91
CA VAL B 173 12.46 21.27 -5.24
C VAL B 173 12.02 22.70 -4.96
N GLY B 174 11.06 23.19 -5.73
CA GLY B 174 10.59 24.55 -5.58
C GLY B 174 9.39 24.68 -4.68
N ALA B 175 9.12 23.65 -3.88
CA ALA B 175 7.97 23.65 -2.98
C ALA B 175 8.26 24.45 -1.72
N GLU B 176 7.19 24.92 -1.07
CA GLU B 176 7.29 25.74 0.13
C GLU B 176 7.65 24.89 1.35
N SER B 177 7.12 23.67 1.38
CA SER B 177 7.36 22.74 2.48
C SER B 177 7.22 21.33 1.98
N PHE B 178 7.36 20.34 2.86
CA PHE B 178 7.20 18.96 2.44
C PHE B 178 5.75 18.65 2.14
N ARG B 179 4.84 19.21 2.96
CA ARG B 179 3.41 19.03 2.75
C ARG B 179 2.99 19.66 1.42
N ASP B 180 3.63 20.77 1.07
CA ASP B 180 3.38 21.40 -0.22
C ASP B 180 3.98 20.56 -1.33
N ALA B 181 5.12 19.93 -1.05
CA ALA B 181 5.79 19.07 -2.01
C ALA B 181 4.94 17.83 -2.32
N MET B 182 4.19 17.38 -1.32
CA MET B 182 3.30 16.25 -1.50
C MET B 182 2.16 16.61 -2.44
N ARG B 183 1.63 17.82 -2.28
CA ARG B 183 0.55 18.29 -3.13
C ARG B 183 1.01 18.44 -4.56
N LEU B 184 2.18 19.06 -4.75
CA LEU B 184 2.75 19.25 -6.08
C LEU B 184 2.97 17.92 -6.77
N GLY B 185 3.50 16.94 -6.04
CA GLY B 185 3.75 15.62 -6.58
C GLY B 185 2.48 14.92 -7.00
N ALA B 186 1.47 14.97 -6.14
CA ALA B 186 0.19 14.31 -6.41
C ALA B 186 -0.54 14.95 -7.57
N GLU B 187 -0.54 16.28 -7.61
CA GLU B 187 -1.23 17.02 -8.66
C GLU B 187 -0.63 16.75 -10.04
N VAL B 188 0.69 16.61 -10.10
CA VAL B 188 1.36 16.28 -11.35
C VAL B 188 1.10 14.83 -11.72
N TYR B 189 1.11 13.96 -10.72
CA TYR B 189 0.84 12.53 -10.92
C TYR B 189 -0.54 12.31 -11.52
N HIS B 190 -1.54 13.02 -10.99
CA HIS B 190 -2.90 12.94 -11.50
C HIS B 190 -3.01 13.56 -12.89
N THR B 191 -2.26 14.63 -13.11
CA THR B 191 -2.21 15.28 -14.41
C THR B 191 -1.58 14.36 -15.44
N LEU B 192 -0.52 13.67 -15.03
CA LEU B 192 0.21 12.75 -15.90
C LEU B 192 -0.68 11.62 -16.40
N LYS B 193 -1.62 11.18 -15.57
CA LYS B 193 -2.55 10.12 -15.96
C LYS B 193 -3.40 10.56 -17.15
N GLY B 194 -3.87 11.80 -17.10
CA GLY B 194 -4.64 12.36 -18.18
C GLY B 194 -3.82 12.50 -19.45
N VAL B 195 -2.59 12.98 -19.29
CA VAL B 195 -1.67 13.13 -20.41
C VAL B 195 -1.41 11.79 -21.09
N ILE B 196 -1.16 10.76 -20.28
CA ILE B 196 -0.93 9.41 -20.78
C ILE B 196 -2.18 8.84 -21.44
N LYS B 197 -3.33 9.01 -20.78
CA LYS B 197 -4.59 8.48 -21.29
C LYS B 197 -4.96 9.10 -22.64
N ASP B 198 -4.76 10.41 -22.76
CA ASP B 198 -5.11 11.13 -23.99
C ASP B 198 -4.32 10.64 -25.21
N LYS B 199 -3.10 10.17 -24.97
CA LYS B 199 -2.22 9.81 -26.06
C LYS B 199 -2.19 8.31 -26.34
N TYR B 200 -2.26 7.50 -25.29
CA TYR B 200 -2.08 6.06 -25.44
C TYR B 200 -3.30 5.24 -25.06
N GLY B 201 -4.32 5.89 -24.50
CA GLY B 201 -5.53 5.20 -24.08
C GLY B 201 -5.49 4.82 -22.61
N LYS B 202 -6.62 4.35 -22.09
CA LYS B 202 -6.73 4.01 -20.68
C LYS B 202 -5.93 2.76 -20.31
N ASP B 203 -5.63 1.93 -21.30
CA ASP B 203 -4.84 0.73 -21.09
C ASP B 203 -3.44 1.05 -20.54
N ALA B 204 -2.98 2.27 -20.80
CA ALA B 204 -1.62 2.67 -20.41
C ALA B 204 -1.58 3.39 -19.07
N THR B 205 -2.70 3.39 -18.36
CA THR B 205 -2.79 4.14 -17.10
C THR B 205 -2.76 3.23 -15.87
N ASN B 206 -2.51 1.95 -16.08
CA ASN B 206 -2.32 1.03 -14.96
C ASN B 206 -0.93 1.23 -14.35
N VAL B 207 -0.74 0.77 -13.13
CA VAL B 207 0.50 1.09 -12.40
C VAL B 207 1.42 -0.11 -12.20
N GLY B 208 2.70 0.20 -11.99
CA GLY B 208 3.70 -0.81 -11.72
C GLY B 208 3.88 -1.03 -10.23
N ASP B 209 4.99 -1.66 -9.85
CA ASP B 209 5.22 -2.05 -8.46
C ASP B 209 5.35 -0.87 -7.51
N GLU B 210 5.81 0.27 -8.02
CA GLU B 210 6.08 1.42 -7.15
C GLU B 210 5.03 2.53 -7.28
N GLY B 211 3.94 2.24 -7.99
CA GLY B 211 2.83 3.17 -8.09
C GLY B 211 2.84 4.03 -9.34
N GLY B 212 3.97 4.07 -10.03
CA GLY B 212 4.08 4.83 -11.26
C GLY B 212 3.31 4.16 -12.38
N PHE B 213 2.86 4.95 -13.35
CA PHE B 213 2.12 4.41 -14.48
C PHE B 213 3.04 3.58 -15.37
N ALA B 214 2.46 2.58 -16.03
CA ALA B 214 3.22 1.74 -16.94
C ALA B 214 2.67 1.84 -18.36
N PRO B 215 2.95 2.95 -19.05
CA PRO B 215 2.46 3.11 -20.42
C PRO B 215 3.21 2.19 -21.39
N ASN B 216 2.53 1.73 -22.43
CA ASN B 216 3.15 0.88 -23.43
C ASN B 216 4.07 1.65 -24.36
N ILE B 217 5.21 2.08 -23.83
CA ILE B 217 6.17 2.85 -24.60
C ILE B 217 7.56 2.19 -24.57
N LEU B 218 8.39 2.58 -25.54
CA LEU B 218 9.73 2.02 -25.66
C LEU B 218 10.79 3.10 -25.41
N GLU B 219 10.59 4.26 -26.00
CA GLU B 219 11.54 5.36 -25.90
C GLU B 219 11.60 5.95 -24.50
N ASN B 220 12.80 6.03 -23.94
CA ASN B 220 12.99 6.64 -22.63
C ASN B 220 12.83 8.16 -22.69
N SER B 221 13.11 8.72 -23.86
CA SER B 221 12.93 10.15 -24.07
C SER B 221 11.46 10.51 -24.08
N GLU B 222 10.62 9.55 -24.45
CA GLU B 222 9.18 9.74 -24.47
C GLU B 222 8.63 9.83 -23.05
N ALA B 223 9.14 8.98 -22.16
CA ALA B 223 8.77 9.01 -20.75
C ALA B 223 9.11 10.37 -20.15
N LEU B 224 10.26 10.91 -20.54
CA LEU B 224 10.67 12.23 -20.10
C LEU B 224 9.76 13.31 -20.66
N GLU B 225 9.33 13.12 -21.91
CA GLU B 225 8.41 14.05 -22.56
C GLU B 225 7.07 14.08 -21.84
N LEU B 226 6.55 12.90 -21.52
CA LEU B 226 5.27 12.78 -20.83
C LEU B 226 5.33 13.42 -19.45
N VAL B 227 6.41 13.17 -18.72
CA VAL B 227 6.61 13.76 -17.40
C VAL B 227 6.71 15.28 -17.49
N LYS B 228 7.56 15.76 -18.40
CA LYS B 228 7.73 17.19 -18.60
C LYS B 228 6.42 17.84 -19.03
N GLU B 229 5.64 17.12 -19.83
CA GLU B 229 4.31 17.57 -20.23
C GLU B 229 3.42 17.78 -19.02
N ALA B 230 3.43 16.80 -18.12
CA ALA B 230 2.58 16.83 -16.94
C ALA B 230 2.97 17.97 -16.00
N ILE B 231 4.27 18.17 -15.83
CA ILE B 231 4.78 19.24 -14.98
C ILE B 231 4.32 20.60 -15.48
N ASP B 232 4.51 20.84 -16.78
CA ASP B 232 4.12 22.11 -17.39
C ASP B 232 2.62 22.32 -17.34
N LYS B 233 1.87 21.26 -17.65
CA LYS B 233 0.42 21.32 -17.69
C LYS B 233 -0.15 21.55 -16.28
N ALA B 234 0.54 21.03 -15.28
CA ALA B 234 0.13 21.23 -13.89
C ALA B 234 0.48 22.63 -13.42
N GLY B 235 1.37 23.29 -14.15
CA GLY B 235 1.75 24.66 -13.86
C GLY B 235 2.93 24.78 -12.92
N TYR B 236 3.83 23.81 -12.95
CA TYR B 236 4.97 23.80 -12.04
C TYR B 236 6.32 23.64 -12.74
N THR B 237 6.45 24.24 -13.92
CA THR B 237 7.67 24.14 -14.70
C THR B 237 8.90 24.58 -13.92
N GLU B 238 8.75 25.66 -13.17
CA GLU B 238 9.88 26.25 -12.44
C GLU B 238 10.16 25.58 -11.10
N LYS B 239 9.23 24.76 -10.64
CA LYS B 239 9.31 24.24 -9.27
C LYS B 239 9.54 22.73 -9.18
N ILE B 240 9.42 22.04 -10.30
CA ILE B 240 9.57 20.58 -10.29
C ILE B 240 10.57 20.11 -11.35
N VAL B 241 11.58 19.37 -10.90
CA VAL B 241 12.60 18.83 -11.79
C VAL B 241 12.49 17.31 -11.88
N ILE B 242 13.39 16.70 -12.65
CA ILE B 242 13.29 15.28 -12.96
C ILE B 242 14.52 14.48 -12.49
N GLY B 243 14.26 13.32 -11.89
CA GLY B 243 15.32 12.39 -11.55
C GLY B 243 15.11 11.06 -12.25
N MET B 244 16.16 10.26 -12.35
CA MET B 244 16.07 8.96 -13.04
C MET B 244 16.81 7.84 -12.32
N ASP B 245 16.20 6.67 -12.27
CA ASP B 245 16.91 5.44 -11.90
C ASP B 245 16.97 4.55 -13.13
N VAL B 246 18.12 4.56 -13.79
CA VAL B 246 18.31 3.79 -15.01
C VAL B 246 18.37 2.29 -14.70
N ALA B 247 19.08 1.94 -13.63
CA ALA B 247 19.31 0.55 -13.25
C ALA B 247 19.92 -0.22 -14.42
N ALA B 248 21.04 0.30 -14.93
CA ALA B 248 21.65 -0.21 -16.16
C ALA B 248 22.15 -1.65 -16.03
N SER B 249 22.33 -2.12 -14.80
CA SER B 249 22.77 -3.49 -14.57
C SER B 249 21.76 -4.50 -15.09
N GLU B 250 20.49 -4.07 -15.14
CA GLU B 250 19.40 -4.94 -15.55
C GLU B 250 19.38 -5.20 -17.06
N PHE B 251 19.99 -4.30 -17.84
CA PHE B 251 20.09 -4.51 -19.27
C PHE B 251 21.53 -4.43 -19.76
N TYR B 252 22.46 -4.73 -18.86
CA TYR B 252 23.88 -4.84 -19.21
C TYR B 252 24.12 -6.20 -19.86
N ARG B 253 24.70 -6.20 -21.06
CA ARG B 253 24.88 -7.43 -21.81
C ARG B 253 26.34 -7.67 -22.21
N ASP B 254 27.15 -8.05 -21.23
CA ASP B 254 28.55 -8.41 -21.44
C ASP B 254 29.34 -7.32 -22.17
N GLY B 255 29.33 -6.12 -21.61
CA GLY B 255 30.10 -5.03 -22.17
C GLY B 255 29.25 -3.92 -22.76
N LYS B 256 28.06 -4.27 -23.26
CA LYS B 256 27.19 -3.29 -23.90
C LYS B 256 25.83 -3.22 -23.20
N TYR B 257 24.98 -2.32 -23.68
CA TYR B 257 23.70 -2.07 -23.03
C TYR B 257 22.54 -2.20 -24.01
N ASP B 258 21.48 -2.88 -23.57
CA ASP B 258 20.33 -3.17 -24.41
C ASP B 258 19.11 -2.38 -23.96
N LEU B 259 18.80 -1.29 -24.67
CA LEU B 259 17.68 -0.42 -24.32
C LEU B 259 16.34 -0.99 -24.78
N ASP B 260 16.36 -2.23 -25.26
CA ASP B 260 15.13 -2.93 -25.63
C ASP B 260 15.23 -4.38 -25.17
N PHE B 261 15.65 -4.57 -23.93
CA PHE B 261 15.99 -5.88 -23.41
C PHE B 261 14.77 -6.74 -23.07
N LYS B 262 13.59 -6.15 -23.12
CA LYS B 262 12.36 -6.91 -22.91
C LYS B 262 11.77 -7.35 -24.24
N SER B 263 12.48 -7.05 -25.33
CA SER B 263 12.16 -7.58 -26.64
C SER B 263 13.02 -8.80 -26.92
N PRO B 264 12.61 -9.64 -27.88
CA PRO B 264 13.44 -10.76 -28.35
C PRO B 264 14.86 -10.30 -28.65
N THR B 265 15.85 -11.08 -28.23
CA THR B 265 17.25 -10.68 -28.28
C THR B 265 17.76 -10.36 -29.69
N ASP B 266 18.33 -9.17 -29.84
CA ASP B 266 19.01 -8.78 -31.07
C ASP B 266 20.21 -7.91 -30.70
N PRO B 267 21.40 -8.53 -30.63
CA PRO B 267 22.64 -7.87 -30.19
C PRO B 267 23.05 -6.68 -31.05
N SER B 268 22.44 -6.51 -32.21
CA SER B 268 22.77 -5.41 -33.10
C SER B 268 22.25 -4.07 -32.58
N ARG B 269 21.29 -4.13 -31.65
CA ARG B 269 20.71 -2.93 -31.08
C ARG B 269 21.45 -2.48 -29.82
N TYR B 270 22.42 -3.28 -29.40
CA TYR B 270 23.22 -2.95 -28.22
C TYR B 270 24.03 -1.68 -28.45
N ILE B 271 24.21 -0.90 -27.39
CA ILE B 271 25.04 0.31 -27.48
C ILE B 271 26.14 0.27 -26.43
N THR B 272 27.21 1.03 -26.69
CA THR B 272 28.34 1.09 -25.77
C THR B 272 28.04 2.03 -24.60
N GLY B 273 28.88 1.97 -23.57
CA GLY B 273 28.75 2.86 -22.43
C GLY B 273 28.95 4.31 -22.83
N ASP B 274 29.78 4.53 -23.85
CA ASP B 274 30.01 5.87 -24.38
C ASP B 274 28.75 6.41 -25.04
N GLN B 275 28.07 5.56 -25.80
CA GLN B 275 26.81 5.93 -26.44
C GLN B 275 25.75 6.24 -25.39
N LEU B 276 25.70 5.41 -24.36
CA LEU B 276 24.75 5.56 -23.27
C LEU B 276 24.96 6.89 -22.56
N GLY B 277 26.23 7.24 -22.36
CA GLY B 277 26.57 8.51 -21.74
C GLY B 277 26.13 9.69 -22.58
N ALA B 278 26.27 9.56 -23.90
CA ALA B 278 25.84 10.60 -24.82
C ALA B 278 24.33 10.78 -24.79
N LEU B 279 23.61 9.68 -24.57
CA LEU B 279 22.16 9.73 -24.46
C LEU B 279 21.74 10.49 -23.23
N TYR B 280 22.44 10.26 -22.12
CA TYR B 280 22.17 10.98 -20.87
C TYR B 280 22.43 12.47 -21.04
N GLN B 281 23.49 12.81 -21.79
CA GLN B 281 23.81 14.21 -22.08
C GLN B 281 22.65 14.88 -22.81
N ASP B 282 22.01 14.12 -23.69
CA ASP B 282 20.85 14.61 -24.45
C ASP B 282 19.67 14.84 -23.52
N PHE B 283 19.47 13.92 -22.58
CA PHE B 283 18.38 14.02 -21.60
C PHE B 283 18.56 15.24 -20.71
N VAL B 284 19.78 15.44 -20.24
CA VAL B 284 20.12 16.56 -19.38
C VAL B 284 19.94 17.89 -20.13
N ARG B 285 20.25 17.86 -21.43
CA ARG B 285 20.13 19.06 -22.27
C ARG B 285 18.68 19.43 -22.56
N ASP B 286 17.86 18.42 -22.87
CA ASP B 286 16.50 18.66 -23.34
C ASP B 286 15.47 18.72 -22.22
N TYR B 287 15.77 18.09 -21.10
CA TYR B 287 14.82 17.99 -20.00
C TYR B 287 15.45 18.42 -18.68
N PRO B 288 14.63 18.86 -17.71
CA PRO B 288 15.16 19.25 -16.40
C PRO B 288 15.61 18.06 -15.55
N VAL B 289 16.46 17.21 -16.11
CA VAL B 289 17.00 16.06 -15.39
C VAL B 289 18.18 16.50 -14.52
N VAL B 290 18.04 16.36 -13.20
CA VAL B 290 19.04 16.84 -12.27
C VAL B 290 19.71 15.70 -11.51
N SER B 291 19.23 14.48 -11.70
CA SER B 291 19.77 13.33 -11.00
C SER B 291 19.61 12.04 -11.80
N ILE B 292 20.69 11.27 -11.91
CA ILE B 292 20.65 9.99 -12.62
C ILE B 292 21.26 8.89 -11.76
N GLU B 293 20.47 7.86 -11.49
CA GLU B 293 20.91 6.74 -10.65
C GLU B 293 21.23 5.51 -11.48
N ASP B 294 22.32 4.83 -11.13
CA ASP B 294 22.83 3.66 -11.86
C ASP B 294 22.84 3.85 -13.38
N PRO B 295 23.57 4.85 -13.88
CA PRO B 295 23.62 5.07 -15.33
C PRO B 295 24.39 3.96 -16.06
N PHE B 296 25.22 3.23 -15.31
CA PHE B 296 26.02 2.16 -15.90
C PHE B 296 26.00 0.92 -15.00
N ASP B 297 26.56 -0.17 -15.50
CA ASP B 297 26.55 -1.44 -14.78
C ASP B 297 27.30 -1.35 -13.46
N GLN B 298 26.91 -2.19 -12.51
CA GLN B 298 27.50 -2.20 -11.17
C GLN B 298 29.01 -2.46 -11.16
N ASP B 299 29.53 -3.00 -12.26
CA ASP B 299 30.95 -3.29 -12.37
C ASP B 299 31.65 -2.46 -13.43
N ASP B 300 30.91 -1.57 -14.09
CA ASP B 300 31.46 -0.75 -15.16
C ASP B 300 32.04 0.55 -14.60
N TRP B 301 33.06 0.43 -13.75
CA TRP B 301 33.62 1.56 -13.02
C TRP B 301 34.16 2.68 -13.92
N ALA B 302 34.80 2.30 -15.01
CA ALA B 302 35.40 3.29 -15.92
C ALA B 302 34.33 4.20 -16.52
N ALA B 303 33.19 3.63 -16.85
CA ALA B 303 32.09 4.40 -17.43
C ALA B 303 31.52 5.39 -16.42
N TRP B 304 31.40 4.95 -15.17
CA TRP B 304 30.92 5.80 -14.09
C TRP B 304 31.80 7.04 -13.92
N SER B 305 33.10 6.82 -13.78
CA SER B 305 34.04 7.91 -13.53
C SER B 305 34.12 8.88 -14.70
N LYS B 306 34.13 8.33 -15.92
CA LYS B 306 34.19 9.15 -17.12
C LYS B 306 32.98 10.06 -17.25
N PHE B 307 31.80 9.51 -16.96
CA PHE B 307 30.55 10.25 -17.07
C PHE B 307 30.41 11.30 -15.98
N THR B 308 30.72 10.91 -14.74
CA THR B 308 30.62 11.80 -13.59
C THR B 308 31.54 13.02 -13.74
N ALA B 309 32.69 12.80 -14.36
CA ALA B 309 33.67 13.86 -14.57
C ALA B 309 33.18 14.90 -15.57
N ASN B 310 32.26 14.49 -16.45
CA ASN B 310 31.79 15.36 -17.52
C ASN B 310 30.37 15.87 -17.34
N VAL B 311 29.81 15.72 -16.14
CA VAL B 311 28.48 16.24 -15.85
C VAL B 311 28.48 17.07 -14.58
N GLY B 312 27.47 17.92 -14.44
CA GLY B 312 27.35 18.77 -13.26
C GLY B 312 26.17 18.40 -12.40
N ILE B 313 25.46 17.34 -12.80
CA ILE B 313 24.28 16.89 -12.07
C ILE B 313 24.63 15.83 -11.03
N GLN B 314 23.61 15.41 -10.28
CA GLN B 314 23.78 14.36 -9.28
C GLN B 314 23.85 12.99 -9.93
N ILE B 315 24.92 12.25 -9.65
CA ILE B 315 25.05 10.88 -10.11
C ILE B 315 24.97 9.93 -8.91
N VAL B 316 23.93 9.11 -8.89
CA VAL B 316 23.63 8.30 -7.71
C VAL B 316 24.04 6.83 -7.88
N GLY B 317 24.80 6.34 -6.91
CA GLY B 317 25.19 4.94 -6.88
C GLY B 317 24.21 4.11 -6.08
N ASP B 318 23.69 3.05 -6.70
CA ASP B 318 22.74 2.16 -6.03
C ASP B 318 23.32 0.74 -5.98
N ASP B 319 23.23 0.02 -7.10
CA ASP B 319 23.80 -1.31 -7.18
C ASP B 319 25.33 -1.25 -7.17
N LEU B 320 25.87 -0.10 -7.55
CA LEU B 320 27.31 0.13 -7.54
C LEU B 320 27.86 0.12 -6.12
N THR B 321 27.15 0.78 -5.21
CA THR B 321 27.65 1.01 -3.86
C THR B 321 26.98 0.12 -2.82
N VAL B 322 25.79 -0.39 -3.16
CA VAL B 322 24.94 -1.21 -2.29
C VAL B 322 25.01 -0.89 -0.79
N THR B 323 25.07 0.41 -0.48
CA THR B 323 25.09 0.90 0.90
C THR B 323 26.23 0.24 1.69
N ASN B 324 27.32 -0.05 0.99
CA ASN B 324 28.44 -0.78 1.58
C ASN B 324 29.69 0.10 1.64
N PRO B 325 30.17 0.37 2.87
CA PRO B 325 31.36 1.20 3.12
C PRO B 325 32.58 0.78 2.30
N LYS B 326 32.76 -0.51 2.09
CA LYS B 326 33.88 -1.01 1.29
C LYS B 326 33.76 -0.56 -0.16
N ARG B 327 32.54 -0.67 -0.71
CA ARG B 327 32.27 -0.28 -2.08
C ARG B 327 32.22 1.24 -2.22
N ILE B 328 31.75 1.91 -1.17
CA ILE B 328 31.64 3.36 -1.17
C ILE B 328 33.02 4.02 -1.19
N GLU B 329 33.95 3.46 -0.42
CA GLU B 329 35.32 3.96 -0.37
C GLU B 329 36.00 3.94 -1.74
N ARG B 330 35.79 2.85 -2.46
CA ARG B 330 36.35 2.71 -3.80
C ARG B 330 35.73 3.72 -4.76
N ALA B 331 34.42 3.91 -4.66
CA ALA B 331 33.70 4.84 -5.52
C ALA B 331 34.09 6.28 -5.23
N VAL B 332 34.46 6.57 -3.99
CA VAL B 332 34.92 7.90 -3.61
C VAL B 332 36.27 8.21 -4.25
N GLU B 333 37.20 7.26 -4.13
CA GLU B 333 38.56 7.43 -4.64
C GLU B 333 38.61 7.46 -6.17
N GLU B 334 37.72 6.71 -6.80
CA GLU B 334 37.68 6.66 -8.26
C GLU B 334 36.70 7.70 -8.82
N LYS B 335 36.02 8.41 -7.93
CA LYS B 335 35.04 9.43 -8.29
C LYS B 335 33.98 8.87 -9.25
N ALA B 336 33.50 7.67 -8.96
CA ALA B 336 32.52 7.00 -9.81
C ALA B 336 31.17 7.70 -9.79
N CYS B 337 30.85 8.32 -8.65
CA CYS B 337 29.59 9.04 -8.50
C CYS B 337 29.71 10.11 -7.41
N ASN B 338 28.63 10.82 -7.16
CA ASN B 338 28.64 11.89 -6.16
C ASN B 338 27.43 11.86 -5.23
N CYS B 339 26.78 10.71 -5.16
CA CYS B 339 25.63 10.54 -4.28
C CYS B 339 25.39 9.06 -3.95
N LEU B 340 24.99 8.79 -2.72
CA LEU B 340 24.74 7.42 -2.28
C LEU B 340 23.25 7.17 -2.10
N LEU B 341 22.77 6.09 -2.71
CA LEU B 341 21.40 5.64 -2.46
C LEU B 341 21.40 4.75 -1.22
N LEU B 342 20.71 5.18 -0.18
CA LEU B 342 20.76 4.49 1.10
C LEU B 342 19.64 3.47 1.27
N LYS B 343 19.98 2.19 1.15
CA LYS B 343 19.04 1.11 1.39
C LYS B 343 19.54 0.23 2.52
N VAL B 344 18.83 0.25 3.65
CA VAL B 344 19.27 -0.47 4.84
C VAL B 344 19.36 -1.99 4.63
N ASN B 345 18.51 -2.52 3.74
CA ASN B 345 18.49 -3.96 3.49
C ASN B 345 19.60 -4.39 2.53
N GLN B 346 20.28 -3.43 1.93
CA GLN B 346 21.42 -3.74 1.08
C GLN B 346 22.65 -4.09 1.92
N ILE B 347 22.69 -3.55 3.14
CA ILE B 347 23.84 -3.79 4.00
C ILE B 347 23.45 -4.65 5.21
N GLY B 348 22.22 -4.52 5.68
CA GLY B 348 21.69 -5.44 6.67
C GLY B 348 21.49 -4.96 8.10
N SER B 349 21.95 -3.75 8.41
CA SER B 349 21.78 -3.23 9.77
C SER B 349 21.75 -1.70 9.78
N VAL B 350 21.07 -1.16 10.78
CA VAL B 350 20.95 0.30 10.94
C VAL B 350 22.31 0.93 11.19
N THR B 351 23.12 0.29 12.03
CA THR B 351 24.46 0.77 12.34
C THR B 351 25.31 0.96 11.09
N GLU B 352 25.37 -0.08 10.27
CA GLU B 352 26.17 -0.05 9.04
C GLU B 352 25.61 0.93 8.02
N ALA B 353 24.30 1.11 8.03
CA ALA B 353 23.65 2.05 7.11
C ALA B 353 24.00 3.48 7.49
N ILE B 354 24.06 3.75 8.78
CA ILE B 354 24.45 5.07 9.28
C ILE B 354 25.92 5.34 8.96
N GLN B 355 26.76 4.33 9.15
CA GLN B 355 28.18 4.42 8.80
C GLN B 355 28.35 4.72 7.32
N ALA B 356 27.53 4.07 6.49
CA ALA B 356 27.59 4.27 5.05
C ALA B 356 27.18 5.69 4.68
N CYS B 357 26.15 6.20 5.35
CA CYS B 357 25.67 7.55 5.11
C CYS B 357 26.72 8.59 5.49
N LYS B 358 27.30 8.44 6.66
CA LYS B 358 28.29 9.40 7.16
C LYS B 358 29.55 9.37 6.32
N LEU B 359 29.92 8.19 5.84
CA LEU B 359 31.10 8.04 4.98
C LEU B 359 30.93 8.81 3.68
N ALA B 360 29.73 8.73 3.11
CA ALA B 360 29.42 9.46 1.88
C ALA B 360 29.41 10.96 2.13
N GLN B 361 28.77 11.38 3.21
CA GLN B 361 28.65 12.79 3.54
C GLN B 361 29.99 13.42 3.92
N GLU B 362 30.87 12.62 4.53
CA GLU B 362 32.20 13.10 4.89
C GLU B 362 33.03 13.43 3.66
N ASN B 363 32.70 12.80 2.54
CA ASN B 363 33.44 13.00 1.30
C ASN B 363 32.70 13.87 0.29
N GLY B 364 31.69 14.60 0.77
CA GLY B 364 30.98 15.57 -0.05
C GLY B 364 29.85 15.01 -0.90
N TRP B 365 29.53 13.74 -0.71
CA TRP B 365 28.44 13.13 -1.45
C TRP B 365 27.08 13.56 -0.91
N GLY B 366 26.08 13.53 -1.77
CA GLY B 366 24.71 13.62 -1.33
C GLY B 366 24.26 12.22 -0.93
N VAL B 367 23.15 12.13 -0.22
CA VAL B 367 22.60 10.83 0.14
C VAL B 367 21.10 10.82 -0.10
N MET B 368 20.61 9.84 -0.83
CA MET B 368 19.18 9.68 -1.01
C MET B 368 18.69 8.41 -0.33
N VAL B 369 17.98 8.57 0.77
CA VAL B 369 17.36 7.43 1.44
C VAL B 369 16.34 6.80 0.51
N SER B 370 16.35 5.47 0.40
CA SER B 370 15.49 4.81 -0.58
C SER B 370 14.70 3.64 -0.02
N HIS B 371 13.58 3.35 -0.61
CA HIS B 371 12.81 2.21 -0.32
C HIS B 371 13.25 1.04 -1.25
N ARG B 372 12.53 -0.06 -1.21
CA ARG B 372 12.70 -1.12 -2.19
C ARG B 372 11.42 -1.23 -2.99
N SER B 373 11.49 -1.85 -4.16
CA SER B 373 10.31 -2.00 -5.01
C SER B 373 9.24 -2.84 -4.32
N GLY B 374 9.67 -3.71 -3.41
CA GLY B 374 8.76 -4.45 -2.57
C GLY B 374 8.82 -3.91 -1.15
N GLU B 375 7.79 -3.16 -0.77
CA GLU B 375 7.77 -2.52 0.55
C GLU B 375 6.69 -3.11 1.46
N THR B 376 6.60 -2.57 2.66
CA THR B 376 5.57 -2.94 3.62
C THR B 376 4.89 -1.69 4.16
N GLU B 377 4.06 -1.85 5.18
CA GLU B 377 3.40 -0.73 5.83
C GLU B 377 4.33 -0.01 6.80
N ASP B 378 5.56 -0.53 6.91
CA ASP B 378 6.58 0.06 7.77
C ASP B 378 6.97 1.46 7.28
N THR B 379 7.25 2.36 8.21
CA THR B 379 7.56 3.75 7.86
C THR B 379 8.90 4.21 8.43
N PHE B 380 9.81 3.27 8.67
CA PHE B 380 11.10 3.57 9.29
C PHE B 380 11.92 4.59 8.51
N ILE B 381 12.02 4.42 7.20
CA ILE B 381 12.91 5.25 6.38
C ILE B 381 12.47 6.71 6.34
N ALA B 382 11.23 6.97 6.74
CA ALA B 382 10.74 8.34 6.85
C ALA B 382 11.44 9.05 8.00
N ASP B 383 11.52 8.38 9.14
CA ASP B 383 12.24 8.91 10.30
C ASP B 383 13.75 8.88 10.04
N LEU B 384 14.18 7.93 9.22
CA LEU B 384 15.59 7.76 8.92
C LEU B 384 16.17 8.93 8.13
N VAL B 385 15.44 9.37 7.10
CA VAL B 385 15.93 10.43 6.22
C VAL B 385 15.98 11.78 6.93
N VAL B 386 15.05 12.00 7.85
CA VAL B 386 15.03 13.24 8.62
C VAL B 386 16.17 13.27 9.63
N GLY B 387 16.37 12.15 10.32
CA GLY B 387 17.42 12.04 11.31
C GLY B 387 18.81 12.13 10.71
N LEU B 388 18.97 11.60 9.50
CA LEU B 388 20.26 11.62 8.83
C LEU B 388 20.46 12.91 8.04
N CYS B 389 19.39 13.70 7.94
CA CYS B 389 19.44 15.02 7.31
C CYS B 389 20.00 14.98 5.89
N THR B 390 19.59 13.98 5.12
CA THR B 390 20.15 13.78 3.78
C THR B 390 19.53 14.74 2.76
N GLY B 391 18.29 15.14 3.01
CA GLY B 391 17.65 16.14 2.18
C GLY B 391 16.91 15.60 0.96
N GLN B 392 16.99 14.29 0.76
CA GLN B 392 16.30 13.67 -0.37
C GLN B 392 15.91 12.22 -0.10
N ILE B 393 14.71 11.85 -0.51
CA ILE B 393 14.23 10.49 -0.37
C ILE B 393 13.35 10.08 -1.55
N LYS B 394 13.56 8.86 -2.04
CA LYS B 394 12.60 8.27 -2.97
C LYS B 394 11.95 7.06 -2.31
N THR B 395 10.64 7.10 -2.17
CA THR B 395 9.90 5.99 -1.59
C THR B 395 8.60 5.79 -2.34
N GLY B 396 8.68 5.94 -3.66
CA GLY B 396 7.57 5.59 -4.53
C GLY B 396 6.79 6.76 -5.10
N ALA B 397 5.88 6.43 -6.00
CA ALA B 397 4.91 7.39 -6.52
C ALA B 397 3.93 7.76 -5.41
N PRO B 398 3.18 8.85 -5.59
CA PRO B 398 2.09 9.12 -4.63
C PRO B 398 0.90 8.19 -4.86
N CYS B 399 1.19 6.89 -4.93
CA CYS B 399 0.20 5.86 -5.20
C CYS B 399 0.66 4.57 -4.52
N ARG B 400 -0.28 3.76 -4.06
CA ARG B 400 -0.02 2.57 -3.24
C ARG B 400 0.51 2.96 -1.86
N SER B 401 -0.16 2.51 -0.81
CA SER B 401 0.09 3.01 0.53
C SER B 401 1.41 2.57 1.16
N GLU B 402 2.10 1.60 0.55
CA GLU B 402 3.43 1.24 1.03
C GLU B 402 4.39 2.39 0.69
N ARG B 403 3.95 3.25 -0.23
CA ARG B 403 4.68 4.46 -0.54
C ARG B 403 4.15 5.62 0.29
N LEU B 404 2.82 5.78 0.32
CA LEU B 404 2.19 6.90 1.02
C LEU B 404 2.42 6.88 2.53
N ALA B 405 2.55 5.68 3.10
CA ALA B 405 2.78 5.55 4.54
C ALA B 405 4.05 6.29 4.95
N LYS B 406 5.07 6.20 4.11
CA LYS B 406 6.30 6.95 4.33
C LYS B 406 6.05 8.44 4.17
N TYR B 407 5.37 8.80 3.09
CA TYR B 407 5.09 10.20 2.79
C TYR B 407 4.18 10.84 3.83
N ASN B 408 3.18 10.09 4.29
CA ASN B 408 2.30 10.57 5.34
C ASN B 408 3.05 10.75 6.65
N GLN B 409 3.97 9.84 6.94
CA GLN B 409 4.77 9.93 8.15
C GLN B 409 5.69 11.14 8.10
N LEU B 410 6.23 11.42 6.92
CA LEU B 410 7.08 12.60 6.74
C LEU B 410 6.28 13.88 6.90
N MET B 411 4.99 13.85 6.55
CA MET B 411 4.12 15.00 6.79
C MET B 411 3.83 15.16 8.27
N ARG B 412 3.77 14.04 8.99
CA ARG B 412 3.55 14.07 10.43
C ARG B 412 4.78 14.60 11.16
N ILE B 413 5.96 14.23 10.67
CA ILE B 413 7.21 14.68 11.24
C ILE B 413 7.39 16.19 11.05
N GLU B 414 7.00 16.69 9.88
CA GLU B 414 7.08 18.12 9.59
C GLU B 414 6.14 18.91 10.50
N GLU B 415 4.92 18.43 10.65
CA GLU B 415 3.94 19.05 11.54
C GLU B 415 4.45 19.06 12.98
N GLU B 416 5.03 17.95 13.40
CA GLU B 416 5.54 17.79 14.76
C GLU B 416 6.72 18.72 15.04
N LEU B 417 7.56 18.92 14.03
CA LEU B 417 8.74 19.76 14.17
C LEU B 417 8.37 21.24 14.20
N GLY B 418 7.37 21.62 13.42
CA GLY B 418 6.87 22.98 13.40
C GLY B 418 7.91 24.03 13.03
N ASP B 419 8.26 24.87 14.00
CA ASP B 419 9.21 25.95 13.77
C ASP B 419 10.58 25.43 13.36
N GLU B 420 10.97 24.30 13.94
CA GLU B 420 12.29 23.72 13.72
C GLU B 420 12.40 23.08 12.33
N ALA B 421 11.26 22.93 11.65
CA ALA B 421 11.21 22.24 10.38
C ALA B 421 11.76 23.09 9.23
N ARG B 422 12.74 22.52 8.52
CA ARG B 422 13.29 23.15 7.32
C ARG B 422 13.17 22.21 6.12
N PHE B 423 12.66 22.73 5.01
CA PHE B 423 12.55 21.94 3.79
C PHE B 423 13.83 22.11 2.97
N ALA B 424 14.36 21.00 2.48
CA ALA B 424 15.64 21.00 1.76
C ALA B 424 15.57 21.85 0.50
N GLY B 425 14.49 21.73 -0.25
CA GLY B 425 14.27 22.53 -1.44
C GLY B 425 15.35 22.34 -2.50
N HIS B 426 15.92 23.46 -2.96
CA HIS B 426 16.93 23.43 -4.00
C HIS B 426 18.29 22.98 -3.46
N ASN B 427 18.37 22.78 -2.16
CA ASN B 427 19.59 22.28 -1.53
C ASN B 427 19.49 20.81 -1.17
N PHE B 428 18.70 20.06 -1.94
CA PHE B 428 18.49 18.64 -1.68
C PHE B 428 19.78 17.84 -1.80
N ARG B 429 20.70 18.33 -2.63
CA ARG B 429 22.01 17.70 -2.77
C ARG B 429 22.90 18.02 -1.58
N ASN B 430 22.75 19.21 -1.03
CA ASN B 430 23.60 19.67 0.06
C ASN B 430 22.87 20.45 1.15
N PRO B 431 22.05 19.76 1.95
CA PRO B 431 21.40 20.44 3.08
C PRO B 431 22.39 20.69 4.21
N SER B 432 23.59 20.15 4.06
CA SER B 432 24.66 20.30 5.04
C SER B 432 24.95 21.77 5.33
#